data_6NT9
#
_entry.id   6NT9
#
_cell.length_a   1
_cell.length_b   1
_cell.length_c   1
_cell.angle_alpha   90.000
_cell.angle_beta   90.000
_cell.angle_gamma   90.000
#
_symmetry.space_group_name_H-M   'P 1'
#
loop_
_entity.id
_entity.type
_entity.pdbx_description
1 polymer 'Serine/threonine-protein kinase TBK1'
2 polymer 'Stimulator of interferon genes protein'
#
loop_
_entity_poly.entity_id
_entity_poly.type
_entity_poly.pdbx_seq_one_letter_code
_entity_poly.pdbx_strand_id
1 'polypeptide(L)'
;MQSTSNHLWLLSDILGQGATANVFRGRHKKTGDLFAIKVFNNISFLRPVDVQMREFEVLKKLNHKNIVKLFAIEEETTTR
HKVLIMEFCPCGSLYTVLEEPSNAYGLPESEFLIVLRDVVGGMNHLRENGIVHRNIKPGNIMRVIGEDGQSVYKLTDFGA
ARELEDDEQFVSLYGTEEYLHPDMYERAVLRKDHQKKYGATVDLWSIGVTFYHAATGSLPFRPFEGPRRNKEVMYKIITG
KPSGAISGVQKAENGPIDWSGDMPVSCSLSRGLQVLLTPVLANILEADQEKCWGFDQFFAETSDILHRMVIHVFSLQQMT
AHKIYIHSYNTATIFHELVYKQTKIISSNQELIYEGRRLVLEPGRLAQHFPKTTEENPIFVVSREPLNTIGLIYEKISLP
KVHPRYDLDGDASMAKAITGVVCYACRIASTLLLYQELMRKGIRWLIELIKDDYNETVHKKTEVVITLDFCIRNIEKTVK
VYEKLMKINLEAAELGEISDIHTKLLRLSSSQGTIETSLQDIDSRLSPGGSLADAWAHQEGTHPKDRNVEKLQVLLNCMT
EIYYQFKKDKAERRLAYNEEQIHKFDKQKLYYHATKAMTHFTDECVKKYEAFLNKSEEWIRKMLHLRKQLLSLTNQCFDI
EEEVSKYQEYTNELQETLPQKMFTASSGIKHTMTPIYPSSNTLVEMTLGMKKLKEEMEGVVKELAENNHILERFGSLTMD
GGLRNVDCLGIHRPDYKDDDDK
;
A,B
2 'polypeptide(L)'
;MPQDPSTRSSPARLLIPEPRAGRARHAACVLLAVCFVVLFLSGEPLAPIIRSVCTQLAALQLGVLLKGCCCLAEEIFHLH
SRHHGSLWQVLCSCFPPRWYLALLLVGGSAYLDPPEDNGHSPRLALTLSCLCQLLVLALGLQKLSAVEVSELTESSKKNV
AHGLAWSYYIGYLKVVLPRLKECMEELSRTNPMLRAHRDTWKLHILVPLGCDIWDDLEKADSNIQYLADLPETILTRAGI
KRRVYKHSLYVIRDKDNKLRPCVLEFASPLQTLCAMSQDDCAAFSREQRLEQARLFYRSLRDILGSSKECAGLYRLIAYE
EPAEPESHFLSGLILWHLQQQQREEYMVQEELPLGTSSVELSLQVSSSDLPQPLRSDCPGIHRPDYKDDDDK
;
C,D
#
# COMPACT_ATOMS: atom_id res chain seq x y z
N MET A 1 -1.36 -48.54 3.78
CA MET A 1 -0.99 -47.61 4.83
C MET A 1 -0.33 -48.34 6.00
N GLN A 2 0.12 -47.57 6.98
CA GLN A 2 0.68 -48.11 8.20
C GLN A 2 0.01 -47.43 9.39
N SER A 3 0.41 -47.83 10.60
CA SER A 3 -0.26 -47.34 11.78
C SER A 3 0.64 -47.51 12.99
N THR A 4 0.30 -46.78 14.05
CA THR A 4 0.85 -46.99 15.37
C THR A 4 -0.33 -47.17 16.33
N SER A 5 -0.06 -47.11 17.63
CA SER A 5 -1.17 -47.19 18.58
C SER A 5 -2.03 -45.94 18.58
N ASN A 6 -1.53 -44.81 18.09
CA ASN A 6 -2.30 -43.58 18.11
C ASN A 6 -2.20 -42.74 16.84
N HIS A 7 -1.47 -43.18 15.82
CA HIS A 7 -1.29 -42.38 14.63
C HIS A 7 -1.35 -43.30 13.42
N LEU A 8 -1.69 -42.74 12.26
CA LEU A 8 -1.77 -43.53 11.05
C LEU A 8 -1.43 -42.64 9.87
N TRP A 9 -0.91 -43.24 8.81
CA TRP A 9 -0.48 -42.47 7.67
C TRP A 9 -0.52 -43.30 6.40
N LEU A 10 -0.91 -42.68 5.29
CA LEU A 10 -0.86 -43.32 3.99
C LEU A 10 0.54 -43.18 3.41
N LEU A 11 0.98 -44.20 2.68
CA LEU A 11 2.34 -44.16 2.16
C LEU A 11 2.51 -43.30 0.92
N SER A 12 1.43 -42.82 0.34
CA SER A 12 1.55 -41.83 -0.73
C SER A 12 1.48 -40.41 -0.18
N ASP A 13 2.25 -40.16 0.89
CA ASP A 13 2.28 -38.89 1.60
C ASP A 13 3.71 -38.55 2.01
N ILE A 14 4.68 -38.92 1.20
CA ILE A 14 6.08 -38.88 1.59
C ILE A 14 6.56 -37.44 1.61
N LEU A 15 6.78 -36.90 2.81
CA LEU A 15 7.38 -35.58 2.93
C LEU A 15 8.88 -35.61 2.70
N GLY A 16 9.51 -36.76 2.89
CA GLY A 16 10.94 -36.82 2.69
C GLY A 16 11.57 -38.20 2.72
N GLN A 17 12.37 -38.49 1.71
CA GLN A 17 13.19 -39.69 1.69
C GLN A 17 14.54 -39.43 2.33
N GLY A 18 15.23 -40.51 2.66
CA GLY A 18 16.53 -40.43 3.27
C GLY A 18 17.07 -41.82 3.53
N ALA A 19 18.38 -41.90 3.69
CA ALA A 19 19.05 -43.17 3.95
C ALA A 19 18.93 -43.62 5.38
N THR A 20 18.38 -42.78 6.25
CA THR A 20 18.20 -43.09 7.66
C THR A 20 16.74 -43.35 8.03
N ALA A 21 15.81 -42.59 7.46
CA ALA A 21 14.41 -42.66 7.86
C ALA A 21 13.55 -42.17 6.71
N ASN A 22 12.24 -42.22 6.91
CA ASN A 22 11.28 -41.69 5.95
C ASN A 22 10.29 -40.80 6.70
N VAL A 23 10.04 -39.61 6.18
CA VAL A 23 9.12 -38.67 6.83
C VAL A 23 7.83 -38.63 6.04
N PHE A 24 6.75 -39.06 6.67
CA PHE A 24 5.40 -39.07 6.11
C PHE A 24 4.55 -38.03 6.79
N ARG A 25 3.45 -37.67 6.16
CA ARG A 25 2.43 -36.81 6.76
C ARG A 25 1.30 -37.68 7.26
N GLY A 26 1.11 -37.73 8.56
CA GLY A 26 0.05 -38.53 9.09
C GLY A 26 -0.84 -37.74 10.02
N ARG A 27 -1.72 -38.40 10.75
CA ARG A 27 -2.64 -37.66 11.58
C ARG A 27 -3.01 -38.46 12.82
N HIS A 28 -3.32 -37.74 13.88
CA HIS A 28 -3.66 -38.35 15.17
C HIS A 28 -5.00 -39.07 15.04
N LYS A 29 -5.09 -40.23 15.67
CA LYS A 29 -6.18 -41.14 15.37
C LYS A 29 -7.48 -40.72 16.02
N LYS A 30 -7.43 -40.01 17.15
CA LYS A 30 -8.66 -39.66 17.85
C LYS A 30 -9.10 -38.22 17.65
N THR A 31 -8.18 -37.30 17.33
CA THR A 31 -8.54 -35.90 17.14
C THR A 31 -8.35 -35.41 15.72
N GLY A 32 -7.72 -36.18 14.84
CA GLY A 32 -7.59 -35.80 13.46
C GLY A 32 -6.53 -34.76 13.16
N ASP A 33 -5.76 -34.33 14.14
CA ASP A 33 -4.75 -33.30 13.92
C ASP A 33 -3.55 -33.88 13.18
N LEU A 34 -2.96 -33.07 12.30
CA LEU A 34 -1.88 -33.54 11.45
C LEU A 34 -0.54 -33.49 12.18
N PHE A 35 0.34 -34.42 11.80
CA PHE A 35 1.69 -34.49 12.35
C PHE A 35 2.62 -35.01 11.26
N ALA A 36 3.92 -34.88 11.51
CA ALA A 36 4.93 -35.49 10.66
C ALA A 36 5.52 -36.67 11.39
N ILE A 37 5.52 -37.83 10.74
CA ILE A 37 5.97 -39.07 11.34
C ILE A 37 7.27 -39.48 10.67
N LYS A 38 8.30 -39.67 11.47
CA LYS A 38 9.61 -40.08 10.99
C LYS A 38 9.80 -41.54 11.35
N VAL A 39 9.75 -42.41 10.34
CA VAL A 39 9.83 -43.86 10.54
C VAL A 39 11.26 -44.29 10.26
N PHE A 40 11.89 -44.94 11.25
CA PHE A 40 13.22 -45.47 11.01
C PHE A 40 13.12 -46.83 10.32
N ASN A 41 14.28 -47.35 9.91
CA ASN A 41 14.33 -48.68 9.30
C ASN A 41 15.68 -49.33 9.64
N ASN A 42 15.67 -50.11 10.72
CA ASN A 42 16.85 -50.82 11.19
C ASN A 42 16.40 -52.03 12.00
N VAL A 49 20.91 -49.52 22.06
CA VAL A 49 19.91 -48.80 21.27
C VAL A 49 19.36 -47.64 22.14
N ASP A 50 19.57 -47.73 23.45
CA ASP A 50 19.03 -46.77 24.39
C ASP A 50 19.80 -45.47 24.44
N VAL A 51 20.94 -45.38 23.74
CA VAL A 51 21.64 -44.10 23.61
C VAL A 51 20.75 -43.10 22.86
N GLN A 52 20.22 -43.51 21.71
CA GLN A 52 19.37 -42.63 20.93
C GLN A 52 18.01 -42.43 21.58
N MET A 53 17.58 -43.39 22.39
CA MET A 53 16.37 -43.20 23.19
C MET A 53 16.56 -42.12 24.24
N ARG A 54 17.73 -42.10 24.89
CA ARG A 54 17.99 -41.03 25.86
C ARG A 54 18.25 -39.71 25.18
N GLU A 55 18.80 -39.73 23.95
CA GLU A 55 18.92 -38.52 23.15
C GLU A 55 17.54 -37.92 22.86
N PHE A 56 16.60 -38.75 22.43
CA PHE A 56 15.26 -38.25 22.13
C PHE A 56 14.50 -37.88 23.40
N GLU A 57 14.84 -38.51 24.54
CA GLU A 57 14.22 -38.10 25.80
C GLU A 57 14.72 -36.74 26.26
N VAL A 58 16.00 -36.44 26.04
CA VAL A 58 16.52 -35.11 26.36
C VAL A 58 15.92 -34.06 25.43
N LEU A 59 15.85 -34.37 24.13
CA LEU A 59 15.22 -33.45 23.19
C LEU A 59 13.72 -33.30 23.38
N LYS A 60 13.07 -34.24 24.06
CA LYS A 60 11.63 -34.14 24.27
C LYS A 60 11.28 -33.01 25.23
N LYS A 61 12.16 -32.70 26.18
CA LYS A 61 11.83 -31.75 27.23
C LYS A 61 12.00 -30.30 26.83
N LEU A 62 12.52 -30.03 25.64
CA LEU A 62 12.68 -28.65 25.19
C LEU A 62 11.34 -28.01 24.90
N ASN A 63 11.29 -26.70 25.05
CA ASN A 63 10.09 -25.94 24.71
C ASN A 63 10.55 -24.53 24.39
N HIS A 64 10.50 -24.16 23.13
CA HIS A 64 10.92 -22.86 22.68
C HIS A 64 10.21 -22.61 21.37
N LYS A 65 10.11 -21.34 20.97
CA LYS A 65 9.38 -21.04 19.76
C LYS A 65 10.25 -21.11 18.51
N ASN A 66 11.50 -21.55 18.65
CA ASN A 66 12.38 -21.78 17.51
C ASN A 66 12.92 -23.20 17.50
N ILE A 67 12.25 -24.13 18.16
CA ILE A 67 12.61 -25.54 18.16
C ILE A 67 11.37 -26.32 17.73
N VAL A 68 11.54 -27.23 16.78
CA VAL A 68 10.42 -28.08 16.36
C VAL A 68 10.14 -29.09 17.46
N LYS A 69 8.88 -29.13 17.91
CA LYS A 69 8.50 -29.94 19.06
C LYS A 69 8.46 -31.41 18.71
N LEU A 70 9.05 -32.23 19.57
CA LEU A 70 8.99 -33.68 19.48
C LEU A 70 7.94 -34.14 20.49
N PHE A 71 6.82 -34.66 20.01
CA PHE A 71 5.73 -35.00 20.92
C PHE A 71 5.96 -36.32 21.63
N ALA A 72 6.08 -37.42 20.88
CA ALA A 72 6.25 -38.71 21.50
C ALA A 72 6.97 -39.65 20.54
N ILE A 73 7.62 -40.65 21.11
CA ILE A 73 8.30 -41.70 20.35
C ILE A 73 7.56 -43.01 20.57
N GLU A 74 7.12 -43.63 19.48
CA GLU A 74 6.22 -44.78 19.55
C GLU A 74 6.72 -45.91 18.68
N GLU A 75 5.89 -46.92 18.46
CA GLU A 75 6.32 -48.14 17.78
C GLU A 75 5.28 -48.54 16.74
N GLU A 76 5.77 -48.88 15.55
CA GLU A 76 4.95 -49.40 14.46
C GLU A 76 4.26 -50.70 14.89
N THR A 77 3.04 -50.93 14.39
CA THR A 77 2.28 -52.11 14.80
C THR A 77 2.58 -53.34 13.98
N THR A 78 2.83 -53.21 12.68
CA THR A 78 3.15 -54.37 11.86
C THR A 78 4.57 -54.86 12.13
N THR A 79 5.55 -54.03 11.86
CA THR A 79 6.94 -54.33 12.15
C THR A 79 7.29 -53.61 13.45
N ARG A 80 8.35 -54.06 14.11
CA ARG A 80 8.71 -53.48 15.39
C ARG A 80 9.68 -52.31 15.23
N HIS A 81 9.38 -51.35 14.35
CA HIS A 81 10.29 -50.24 14.14
C HIS A 81 9.99 -49.10 15.11
N LYS A 82 10.78 -48.03 15.02
CA LYS A 82 10.59 -46.84 15.82
C LYS A 82 10.08 -45.70 14.93
N VAL A 83 9.23 -44.86 15.52
CA VAL A 83 8.72 -43.66 14.86
C VAL A 83 8.92 -42.48 15.79
N LEU A 84 9.04 -41.30 15.22
CA LEU A 84 9.04 -40.05 15.95
C LEU A 84 7.89 -39.20 15.46
N ILE A 85 7.05 -38.73 16.37
CA ILE A 85 5.94 -37.87 16.03
C ILE A 85 6.35 -36.44 16.36
N MET A 86 6.39 -35.58 15.35
CA MET A 86 6.80 -34.21 15.54
C MET A 86 5.83 -33.31 14.79
N GLU A 87 5.92 -32.01 15.04
CA GLU A 87 4.89 -31.13 14.52
C GLU A 87 5.09 -30.90 13.04
N PHE A 88 3.99 -30.67 12.34
CA PHE A 88 3.98 -30.61 10.90
C PHE A 88 4.17 -29.16 10.47
N CYS A 89 5.29 -28.89 9.80
CA CYS A 89 5.59 -27.59 9.23
C CYS A 89 5.25 -27.64 7.76
N PRO A 90 4.13 -27.06 7.33
CA PRO A 90 3.64 -27.32 5.96
C PRO A 90 4.40 -26.60 4.88
N CYS A 91 5.12 -25.53 5.20
CA CYS A 91 5.67 -24.62 4.22
C CYS A 91 7.07 -25.00 3.78
N GLY A 92 7.58 -26.15 4.20
CA GLY A 92 8.88 -26.59 3.76
C GLY A 92 10.02 -25.89 4.45
N SER A 93 11.23 -26.23 4.04
CA SER A 93 12.44 -25.77 4.70
C SER A 93 12.91 -24.47 4.04
N LEU A 94 14.14 -24.06 4.34
CA LEU A 94 14.66 -22.84 3.74
C LEU A 94 15.12 -23.06 2.30
N TYR A 95 15.38 -24.32 1.91
CA TYR A 95 15.62 -24.63 0.51
C TYR A 95 14.43 -24.25 -0.36
N THR A 96 13.22 -24.57 0.08
CA THR A 96 12.02 -24.21 -0.67
C THR A 96 11.81 -22.71 -0.70
N VAL A 97 12.30 -21.98 0.30
CA VAL A 97 12.23 -20.53 0.25
C VAL A 97 13.23 -19.97 -0.74
N LEU A 98 14.43 -20.54 -0.80
CA LEU A 98 15.46 -20.00 -1.68
C LEU A 98 15.40 -20.54 -3.09
N GLU A 99 14.51 -21.48 -3.39
CA GLU A 99 14.34 -21.92 -4.77
C GLU A 99 13.24 -21.16 -5.50
N GLU A 100 12.57 -20.23 -4.84
CA GLU A 100 11.58 -19.43 -5.54
C GLU A 100 12.28 -18.45 -6.45
N PRO A 101 11.71 -18.17 -7.63
CA PRO A 101 12.39 -17.29 -8.57
C PRO A 101 12.43 -15.84 -8.15
N SER A 102 11.55 -15.43 -7.24
CA SER A 102 11.64 -14.06 -6.73
C SER A 102 12.78 -13.92 -5.73
N ASN A 103 13.24 -15.02 -5.17
CA ASN A 103 14.38 -15.02 -4.23
C ASN A 103 15.64 -15.50 -4.90
N ALA A 104 15.74 -15.37 -6.22
CA ALA A 104 16.95 -15.82 -6.91
C ALA A 104 18.11 -14.87 -6.72
N TYR A 105 17.86 -13.66 -6.27
CA TYR A 105 18.93 -12.70 -5.95
C TYR A 105 18.78 -12.23 -4.52
N GLY A 106 18.47 -13.15 -3.62
CA GLY A 106 18.48 -12.82 -2.22
C GLY A 106 17.10 -12.46 -1.71
N LEU A 107 16.86 -12.78 -0.44
CA LEU A 107 15.61 -12.49 0.22
C LEU A 107 15.41 -10.99 0.37
N PRO A 108 14.17 -10.54 0.55
CA PRO A 108 13.96 -9.16 0.96
C PRO A 108 14.48 -8.92 2.37
N GLU A 109 14.66 -7.65 2.71
CA GLU A 109 15.39 -7.30 3.92
C GLU A 109 14.62 -7.64 5.19
N SER A 110 13.29 -7.52 5.17
CA SER A 110 12.49 -7.86 6.35
C SER A 110 12.52 -9.35 6.62
N GLU A 111 12.36 -10.16 5.57
CA GLU A 111 12.42 -11.60 5.71
C GLU A 111 13.81 -12.06 6.10
N PHE A 112 14.84 -11.37 5.62
CA PHE A 112 16.21 -11.70 6.03
C PHE A 112 16.43 -11.45 7.50
N LEU A 113 15.90 -10.34 8.02
CA LEU A 113 16.06 -10.08 9.45
C LEU A 113 15.27 -11.06 10.30
N ILE A 114 14.13 -11.54 9.81
CA ILE A 114 13.39 -12.58 10.53
C ILE A 114 14.20 -13.87 10.59
N VAL A 115 14.83 -14.27 9.46
CA VAL A 115 15.66 -15.47 9.44
C VAL A 115 16.83 -15.34 10.39
N LEU A 116 17.50 -14.18 10.39
CA LEU A 116 18.65 -13.93 11.25
C LEU A 116 18.27 -14.03 12.73
N ARG A 117 17.16 -13.37 13.10
CA ARG A 117 16.71 -13.39 14.48
C ARG A 117 16.36 -14.78 14.96
N ASP A 118 15.63 -15.54 14.15
CA ASP A 118 15.15 -16.83 14.62
C ASP A 118 16.25 -17.88 14.65
N VAL A 119 17.19 -17.85 13.70
CA VAL A 119 18.30 -18.80 13.74
C VAL A 119 19.22 -18.51 14.93
N VAL A 120 19.51 -17.24 15.20
CA VAL A 120 20.36 -16.91 16.36
C VAL A 120 19.65 -17.23 17.67
N GLY A 121 18.32 -17.05 17.74
CA GLY A 121 17.59 -17.41 18.94
C GLY A 121 17.58 -18.92 19.20
N GLY A 122 17.43 -19.71 18.15
CA GLY A 122 17.51 -21.16 18.32
C GLY A 122 18.88 -21.63 18.72
N MET A 123 19.94 -21.03 18.14
CA MET A 123 21.31 -21.33 18.53
C MET A 123 21.54 -21.05 20.00
N ASN A 124 21.08 -19.89 20.47
CA ASN A 124 21.28 -19.51 21.87
C ASN A 124 20.55 -20.44 22.81
N HIS A 125 19.30 -20.79 22.50
CA HIS A 125 18.57 -21.63 23.42
C HIS A 125 19.09 -23.07 23.42
N LEU A 126 19.67 -23.53 22.32
CA LEU A 126 20.28 -24.85 22.38
C LEU A 126 21.59 -24.82 23.14
N ARG A 127 22.36 -23.74 23.02
CA ARG A 127 23.65 -23.71 23.71
C ARG A 127 23.49 -23.47 25.20
N GLU A 128 22.45 -22.71 25.59
CA GLU A 128 22.29 -22.36 26.99
C GLU A 128 21.91 -23.56 27.85
N ASN A 129 21.19 -24.52 27.28
CA ASN A 129 20.87 -25.72 28.04
C ASN A 129 21.97 -26.75 28.00
N GLY A 130 22.74 -26.84 26.92
CA GLY A 130 23.88 -27.72 26.89
C GLY A 130 23.77 -28.86 25.90
N ILE A 131 22.97 -28.68 24.86
CA ILE A 131 22.80 -29.70 23.83
C ILE A 131 23.85 -29.47 22.76
N VAL A 132 24.69 -30.47 22.52
CA VAL A 132 25.71 -30.41 21.48
C VAL A 132 25.06 -30.83 20.16
N HIS A 133 24.98 -29.89 19.22
CA HIS A 133 24.26 -30.10 17.99
C HIS A 133 25.21 -30.03 16.81
N ARG A 134 24.66 -30.19 15.62
CA ARG A 134 25.43 -30.25 14.39
C ARG A 134 25.84 -28.86 13.93
N ASN A 135 26.28 -28.75 12.70
CA ASN A 135 26.46 -27.47 12.03
C ASN A 135 25.22 -27.26 11.18
N ILE A 136 24.44 -26.24 11.50
CA ILE A 136 23.13 -26.11 10.87
C ILE A 136 23.28 -25.51 9.48
N LYS A 137 22.46 -26.00 8.55
CA LYS A 137 22.52 -25.72 7.14
C LYS A 137 21.10 -25.31 6.74
N PRO A 138 20.87 -24.84 5.52
CA PRO A 138 19.50 -24.46 5.15
C PRO A 138 18.49 -25.59 5.08
N GLY A 139 18.88 -26.84 5.23
CA GLY A 139 17.88 -27.88 5.33
C GLY A 139 17.40 -28.16 6.73
N ASN A 140 18.07 -27.60 7.72
CA ASN A 140 17.70 -27.79 9.11
C ASN A 140 16.83 -26.68 9.65
N ILE A 141 16.32 -25.80 8.79
CA ILE A 141 15.58 -24.63 9.21
C ILE A 141 14.20 -24.73 8.57
N MET A 142 13.21 -25.12 9.35
CA MET A 142 11.86 -25.21 8.85
C MET A 142 11.16 -23.86 8.98
N ARG A 143 10.09 -23.69 8.22
CA ARG A 143 9.34 -22.46 8.17
C ARG A 143 7.89 -22.75 8.53
N VAL A 144 7.28 -21.87 9.32
CA VAL A 144 5.86 -21.99 9.64
C VAL A 144 5.26 -20.60 9.61
N ILE A 145 3.97 -20.51 9.34
CA ILE A 145 3.26 -19.24 9.35
C ILE A 145 2.76 -18.98 10.76
N GLY A 146 3.26 -17.94 11.39
CA GLY A 146 2.87 -17.61 12.74
C GLY A 146 1.44 -17.10 12.81
N GLU A 147 1.02 -16.78 14.02
CA GLU A 147 -0.36 -16.39 14.26
C GLU A 147 -0.69 -14.97 13.80
N ASP A 148 0.26 -14.24 13.22
CA ASP A 148 0.01 -12.88 12.78
C ASP A 148 0.57 -12.60 11.40
N GLY A 149 0.67 -13.62 10.56
CA GLY A 149 1.08 -13.47 9.19
C GLY A 149 2.57 -13.61 8.95
N GLN A 150 3.39 -13.20 9.90
CA GLN A 150 4.84 -13.28 9.73
C GLN A 150 5.32 -14.71 9.83
N SER A 151 6.43 -15.00 9.17
CA SER A 151 7.01 -16.32 9.22
C SER A 151 7.73 -16.52 10.55
N VAL A 152 7.84 -17.77 10.96
CA VAL A 152 8.59 -18.18 12.13
C VAL A 152 9.48 -19.33 11.70
N TYR A 153 10.78 -19.19 11.89
CA TYR A 153 11.74 -20.18 11.47
C TYR A 153 12.16 -21.01 12.67
N LYS A 154 12.19 -22.32 12.48
CA LYS A 154 12.44 -23.25 13.57
C LYS A 154 13.59 -24.16 13.18
N LEU A 155 14.24 -24.75 14.18
CA LEU A 155 15.39 -25.60 13.94
C LEU A 155 14.99 -27.05 14.17
N THR A 156 15.41 -27.92 13.28
CA THR A 156 15.12 -29.34 13.41
C THR A 156 16.33 -30.13 12.96
N ASP A 157 16.32 -31.42 13.31
CA ASP A 157 17.35 -32.40 12.98
C ASP A 157 18.73 -31.93 13.42
N PHE A 158 18.81 -31.54 14.68
CA PHE A 158 20.08 -31.25 15.32
C PHE A 158 20.44 -32.40 16.23
N GLY A 159 21.71 -32.79 16.21
CA GLY A 159 22.17 -33.90 17.01
C GLY A 159 22.69 -35.04 16.15
N GLY A 175 23.17 -29.04 -1.90
CA GLY A 175 24.02 -30.19 -2.12
C GLY A 175 24.68 -30.70 -0.85
N THR A 176 24.38 -30.02 0.25
CA THR A 176 24.67 -30.30 1.67
C THR A 176 26.14 -30.46 2.03
N GLU A 177 27.05 -30.27 1.07
CA GLU A 177 28.48 -30.40 1.32
C GLU A 177 29.26 -29.16 0.93
N GLU A 178 28.60 -28.14 0.40
CA GLU A 178 29.25 -26.86 0.18
C GLU A 178 29.24 -26.01 1.44
N TYR A 179 28.44 -26.36 2.43
CA TYR A 179 28.24 -25.56 3.62
C TYR A 179 29.21 -25.91 4.73
N LEU A 180 30.16 -26.78 4.48
CA LEU A 180 31.06 -27.24 5.53
C LEU A 180 32.42 -26.57 5.41
N HIS A 181 33.14 -26.57 6.54
CA HIS A 181 34.48 -26.04 6.58
C HIS A 181 35.38 -26.96 5.77
N PRO A 182 36.31 -26.42 4.98
CA PRO A 182 37.00 -27.24 3.98
C PRO A 182 38.14 -28.11 4.50
N ASP A 183 38.22 -28.36 5.80
CA ASP A 183 39.25 -29.23 6.36
C ASP A 183 39.04 -30.68 5.97
N ALA A 200 33.14 -29.42 21.44
CA ALA A 200 32.16 -28.64 22.18
C ALA A 200 32.03 -27.23 21.62
N THR A 201 33.10 -26.77 20.97
CA THR A 201 33.14 -25.41 20.43
C THR A 201 32.25 -25.32 19.20
N VAL A 202 31.37 -24.32 19.19
CA VAL A 202 30.46 -24.14 18.06
C VAL A 202 31.25 -23.55 16.90
N ASP A 203 31.23 -24.24 15.77
CA ASP A 203 31.78 -23.70 14.54
C ASP A 203 30.71 -22.87 13.85
N LEU A 204 31.14 -21.82 13.16
CA LEU A 204 30.19 -20.88 12.60
C LEU A 204 30.40 -20.68 11.10
N TRP A 205 31.01 -21.62 10.41
CA TRP A 205 31.18 -21.49 8.97
C TRP A 205 29.86 -21.69 8.25
N SER A 206 29.09 -22.69 8.67
CA SER A 206 27.85 -23.03 7.99
C SER A 206 26.79 -21.96 8.19
N ILE A 207 26.77 -21.31 9.35
CA ILE A 207 25.87 -20.19 9.57
C ILE A 207 26.26 -19.01 8.68
N GLY A 208 27.54 -18.80 8.47
CA GLY A 208 27.97 -17.71 7.60
C GLY A 208 27.62 -17.96 6.14
N VAL A 209 27.81 -19.20 5.68
CA VAL A 209 27.47 -19.51 4.30
C VAL A 209 25.95 -19.51 4.10
N THR A 210 25.21 -19.91 5.12
CA THR A 210 23.75 -19.81 5.09
C THR A 210 23.27 -18.37 4.97
N PHE A 211 23.89 -17.47 5.73
CA PHE A 211 23.45 -16.08 5.67
C PHE A 211 23.91 -15.38 4.41
N TYR A 212 25.07 -15.73 3.86
CA TYR A 212 25.46 -15.15 2.58
C TYR A 212 24.56 -15.67 1.46
N HIS A 213 24.18 -16.94 1.53
CA HIS A 213 23.26 -17.51 0.55
C HIS A 213 21.87 -16.91 0.68
N ALA A 214 21.45 -16.58 1.89
CA ALA A 214 20.15 -15.94 2.05
C ALA A 214 20.18 -14.49 1.62
N ALA A 215 21.31 -13.81 1.78
CA ALA A 215 21.38 -12.40 1.42
C ALA A 215 21.52 -12.19 -0.08
N THR A 216 22.32 -13.02 -0.76
CA THR A 216 22.60 -12.79 -2.17
C THR A 216 22.00 -13.81 -3.11
N GLY A 217 21.73 -15.03 -2.66
CA GLY A 217 21.17 -16.04 -3.53
C GLY A 217 22.18 -16.99 -4.13
N SER A 218 23.47 -16.77 -3.87
CA SER A 218 24.51 -17.65 -4.39
C SER A 218 25.50 -17.95 -3.28
N LEU A 219 26.21 -19.07 -3.44
CA LEU A 219 27.23 -19.44 -2.48
C LEU A 219 28.42 -18.49 -2.59
N PRO A 220 29.13 -18.23 -1.48
CA PRO A 220 30.20 -17.25 -1.53
C PRO A 220 31.41 -17.71 -2.32
N PHE A 221 31.86 -18.95 -2.16
CA PHE A 221 33.08 -19.43 -2.79
C PHE A 221 32.70 -20.46 -3.83
N ARG A 222 32.89 -20.11 -5.10
CA ARG A 222 32.50 -20.99 -6.20
C ARG A 222 33.67 -21.31 -7.11
N PRO A 223 34.13 -22.54 -7.16
CA PRO A 223 35.05 -22.94 -8.23
C PRO A 223 34.32 -23.04 -9.55
N PHE A 224 35.09 -23.11 -10.62
CA PHE A 224 34.49 -23.20 -11.95
C PHE A 224 34.11 -24.64 -12.25
N GLU A 225 32.91 -24.81 -12.81
CA GLU A 225 32.22 -26.10 -12.98
C GLU A 225 32.13 -26.89 -11.69
N LYS A 231 36.76 -31.41 -4.29
CA LYS A 231 37.06 -31.36 -2.87
C LYS A 231 38.53 -31.07 -2.61
N GLU A 232 39.18 -30.49 -3.61
CA GLU A 232 40.57 -30.04 -3.47
C GLU A 232 40.67 -28.60 -3.97
N VAL A 233 39.82 -28.25 -4.93
CA VAL A 233 39.80 -26.89 -5.46
C VAL A 233 39.19 -25.96 -4.43
N MET A 234 38.25 -26.49 -3.64
CA MET A 234 37.63 -25.74 -2.56
C MET A 234 38.67 -25.38 -1.51
N TYR A 235 39.53 -26.34 -1.17
CA TYR A 235 40.58 -26.09 -0.19
C TYR A 235 41.62 -25.12 -0.74
N LYS A 236 41.98 -25.23 -2.02
CA LYS A 236 42.96 -24.33 -2.58
C LYS A 236 42.44 -22.91 -2.72
N ILE A 237 41.13 -22.73 -2.92
CA ILE A 237 40.56 -21.39 -2.93
C ILE A 237 40.53 -20.81 -1.52
N ILE A 238 39.93 -21.52 -0.58
CA ILE A 238 39.69 -20.96 0.75
C ILE A 238 41.00 -20.80 1.54
N THR A 239 42.01 -21.62 1.24
CA THR A 239 43.29 -21.52 1.95
C THR A 239 44.04 -20.24 1.60
N GLY A 240 44.09 -19.87 0.33
CA GLY A 240 44.75 -18.65 -0.07
C GLY A 240 43.85 -17.44 -0.10
N LYS A 241 42.91 -17.37 0.83
CA LYS A 241 41.98 -16.25 0.89
C LYS A 241 42.59 -15.12 1.71
N PRO A 242 42.51 -13.88 1.23
CA PRO A 242 43.02 -12.76 2.03
C PRO A 242 42.13 -12.45 3.23
N SER A 243 42.54 -11.49 4.05
CA SER A 243 41.75 -11.10 5.21
C SER A 243 40.61 -10.20 4.77
N GLY A 244 39.45 -10.38 5.39
CA GLY A 244 38.30 -9.56 5.13
C GLY A 244 37.47 -9.98 3.95
N ALA A 245 37.97 -10.85 3.09
CA ALA A 245 37.24 -11.25 1.90
C ALA A 245 36.12 -12.22 2.28
N ILE A 246 34.93 -11.99 1.74
CA ILE A 246 33.79 -12.83 2.02
C ILE A 246 33.33 -13.61 0.82
N SER A 247 33.91 -13.38 -0.35
CA SER A 247 33.59 -14.19 -1.51
C SER A 247 34.77 -14.21 -2.47
N GLY A 248 34.84 -15.27 -3.26
CA GLY A 248 35.83 -15.40 -4.30
C GLY A 248 35.26 -16.16 -5.48
N VAL A 249 35.31 -15.56 -6.65
CA VAL A 249 34.72 -16.15 -7.85
C VAL A 249 35.84 -16.52 -8.80
N GLN A 250 35.80 -17.75 -9.31
CA GLN A 250 36.72 -18.23 -10.32
C GLN A 250 35.92 -18.48 -11.60
N LYS A 251 36.28 -17.76 -12.67
CA LYS A 251 35.51 -17.80 -13.90
C LYS A 251 36.17 -18.61 -15.02
N ALA A 252 37.41 -19.05 -14.83
CA ALA A 252 38.15 -19.80 -15.83
C ALA A 252 38.60 -21.12 -15.23
N GLU A 253 39.26 -21.92 -16.06
CA GLU A 253 39.89 -23.14 -15.58
C GLU A 253 41.25 -22.81 -14.99
N ASN A 254 41.39 -23.03 -13.68
CA ASN A 254 42.63 -22.88 -12.92
C ASN A 254 43.18 -21.47 -12.95
N GLY A 255 42.35 -20.46 -13.20
CA GLY A 255 42.82 -19.11 -13.21
C GLY A 255 42.91 -18.53 -11.81
N PRO A 256 43.22 -17.25 -11.74
CA PRO A 256 43.20 -16.58 -10.44
C PRO A 256 41.77 -16.36 -9.98
N ILE A 257 41.63 -16.10 -8.68
CA ILE A 257 40.31 -15.97 -8.06
C ILE A 257 40.07 -14.50 -7.78
N ASP A 258 38.93 -13.99 -8.25
CA ASP A 258 38.53 -12.62 -7.96
C ASP A 258 37.97 -12.58 -6.54
N TRP A 259 38.70 -11.91 -5.64
CA TRP A 259 38.28 -11.80 -4.25
C TRP A 259 37.48 -10.53 -4.06
N SER A 260 36.47 -10.59 -3.20
CA SER A 260 35.60 -9.46 -2.98
C SER A 260 35.39 -9.24 -1.49
N GLY A 261 35.09 -8.01 -1.13
CA GLY A 261 34.92 -7.68 0.28
C GLY A 261 33.59 -7.02 0.54
N ASP A 262 32.77 -6.93 -0.50
CA ASP A 262 31.45 -6.34 -0.40
C ASP A 262 30.41 -7.32 -0.88
N MET A 263 29.18 -7.07 -0.47
CA MET A 263 28.03 -7.72 -1.09
C MET A 263 27.96 -7.28 -2.55
N PRO A 264 27.44 -8.11 -3.44
CA PRO A 264 27.36 -7.73 -4.86
C PRO A 264 26.32 -6.65 -5.09
N VAL A 265 26.31 -6.11 -6.30
CA VAL A 265 25.49 -4.95 -6.62
C VAL A 265 24.03 -5.34 -6.72
N SER A 266 23.75 -6.60 -7.05
CA SER A 266 22.39 -7.12 -7.10
C SER A 266 21.93 -7.71 -5.77
N CYS A 267 22.49 -7.24 -4.66
CA CYS A 267 22.04 -7.62 -3.34
C CYS A 267 20.96 -6.64 -2.90
N SER A 268 19.79 -7.17 -2.52
CA SER A 268 18.65 -6.33 -2.22
C SER A 268 18.72 -5.65 -0.86
N LEU A 269 19.70 -5.98 -0.03
CA LEU A 269 19.80 -5.39 1.29
C LEU A 269 20.30 -3.96 1.19
N SER A 270 19.73 -3.09 2.01
CA SER A 270 20.06 -1.68 2.00
C SER A 270 21.49 -1.45 2.47
N ARG A 271 22.00 -0.26 2.19
CA ARG A 271 23.39 0.04 2.49
C ARG A 271 23.62 0.15 4.00
N GLY A 272 22.64 0.69 4.72
CA GLY A 272 22.74 0.80 6.16
C GLY A 272 22.78 -0.52 6.89
N LEU A 273 22.26 -1.57 6.27
CA LEU A 273 22.37 -2.91 6.83
C LEU A 273 23.63 -3.62 6.36
N GLN A 274 24.07 -3.38 5.13
CA GLN A 274 25.29 -4.01 4.65
C GLN A 274 26.50 -3.54 5.43
N VAL A 275 26.52 -2.28 5.85
CA VAL A 275 27.63 -1.78 6.67
C VAL A 275 27.65 -2.46 8.04
N LEU A 276 26.49 -2.80 8.59
CA LEU A 276 26.45 -3.52 9.86
C LEU A 276 26.68 -5.01 9.72
N LEU A 277 26.42 -5.57 8.55
CA LEU A 277 26.43 -7.01 8.37
C LEU A 277 27.73 -7.54 7.78
N THR A 278 28.45 -6.74 6.99
CA THR A 278 29.70 -7.17 6.39
C THR A 278 30.84 -7.46 7.40
N PRO A 279 31.02 -6.74 8.52
CA PRO A 279 32.04 -7.19 9.49
C PRO A 279 31.73 -8.51 10.17
N VAL A 280 30.47 -8.83 10.40
CA VAL A 280 30.11 -10.11 11.01
C VAL A 280 30.50 -11.27 10.09
N LEU A 281 30.08 -11.19 8.82
CA LEU A 281 30.45 -12.23 7.87
C LEU A 281 31.93 -12.21 7.53
N ALA A 282 32.60 -11.08 7.70
CA ALA A 282 34.03 -11.07 7.49
C ALA A 282 34.77 -11.70 8.65
N ASN A 283 34.19 -11.72 9.84
CA ASN A 283 34.85 -12.30 10.99
C ASN A 283 34.39 -13.70 11.35
N ILE A 284 33.38 -14.25 10.69
CA ILE A 284 33.06 -15.67 10.89
C ILE A 284 33.37 -16.52 9.69
N LEU A 285 33.60 -15.94 8.51
CA LEU A 285 34.12 -16.68 7.38
C LEU A 285 35.62 -16.60 7.28
N GLU A 286 36.31 -16.50 8.41
CA GLU A 286 37.76 -16.37 8.43
C GLU A 286 38.37 -17.73 8.15
N ALA A 287 39.47 -17.73 7.40
CA ALA A 287 40.06 -18.99 6.96
C ALA A 287 40.80 -19.72 8.05
N ASP A 288 41.19 -19.03 9.12
CA ASP A 288 41.94 -19.63 10.21
C ASP A 288 41.06 -19.66 11.46
N GLN A 289 40.91 -20.84 12.05
CA GLN A 289 39.95 -21.02 13.15
C GLN A 289 40.38 -20.35 14.45
N GLU A 290 41.64 -19.91 14.55
CA GLU A 290 42.08 -19.21 15.74
C GLU A 290 41.47 -17.81 15.81
N LYS A 291 41.24 -17.18 14.67
CA LYS A 291 40.88 -15.78 14.61
C LYS A 291 39.37 -15.56 14.47
N CYS A 292 38.56 -16.62 14.48
CA CYS A 292 37.13 -16.46 14.40
C CYS A 292 36.58 -15.98 15.74
N TRP A 293 35.26 -15.74 15.78
CA TRP A 293 34.70 -15.10 16.96
C TRP A 293 34.35 -16.07 18.07
N GLY A 294 33.84 -17.24 17.74
CA GLY A 294 33.18 -18.00 18.77
C GLY A 294 31.76 -17.49 18.91
N PHE A 295 31.07 -17.94 19.95
CA PHE A 295 29.64 -17.68 19.95
C PHE A 295 29.21 -16.46 20.74
N ASP A 296 29.93 -16.07 21.79
CA ASP A 296 29.43 -14.97 22.62
C ASP A 296 29.59 -13.62 21.93
N GLN A 297 30.73 -13.41 21.27
CA GLN A 297 30.94 -12.17 20.53
C GLN A 297 30.00 -12.09 19.33
N PHE A 298 29.74 -13.23 18.70
CA PHE A 298 28.78 -13.30 17.59
C PHE A 298 27.38 -12.98 18.05
N PHE A 299 26.98 -13.50 19.21
CA PHE A 299 25.65 -13.23 19.71
C PHE A 299 25.49 -11.77 20.10
N ALA A 300 26.53 -11.18 20.71
CA ALA A 300 26.45 -9.78 21.09
C ALA A 300 26.39 -8.86 19.87
N GLU A 301 27.14 -9.18 18.82
CA GLU A 301 27.12 -8.30 17.65
C GLU A 301 25.84 -8.45 16.84
N THR A 302 25.29 -9.67 16.71
CA THR A 302 24.01 -9.79 16.02
C THR A 302 22.86 -9.24 16.84
N SER A 303 22.95 -9.26 18.17
CA SER A 303 21.92 -8.60 18.96
C SER A 303 22.04 -7.08 18.87
N ASP A 304 23.25 -6.57 18.65
CA ASP A 304 23.39 -5.15 18.37
C ASP A 304 22.80 -4.79 17.02
N ILE A 305 22.82 -5.71 16.05
CA ILE A 305 22.14 -5.45 14.78
C ILE A 305 20.62 -5.53 14.96
N LEU A 306 20.14 -6.52 15.69
CA LEU A 306 18.71 -6.82 15.73
C LEU A 306 17.88 -5.87 16.58
N HIS A 307 18.48 -5.14 17.52
CA HIS A 307 17.70 -4.26 18.37
C HIS A 307 17.59 -2.84 17.82
N ARG A 308 17.96 -2.62 16.57
CA ARG A 308 17.89 -1.29 15.99
C ARG A 308 16.49 -1.04 15.45
N MET A 309 16.08 0.22 15.47
CA MET A 309 14.93 0.65 14.68
C MET A 309 15.41 1.32 13.41
N VAL A 310 14.50 1.47 12.47
CA VAL A 310 14.82 1.95 11.13
C VAL A 310 14.14 3.29 10.93
N ILE A 311 14.87 4.26 10.39
CA ILE A 311 14.33 5.56 10.01
C ILE A 311 14.63 5.76 8.54
N HIS A 312 13.60 6.05 7.75
CA HIS A 312 13.74 6.15 6.31
C HIS A 312 14.01 7.59 5.92
N VAL A 313 15.10 7.82 5.20
CA VAL A 313 15.55 9.16 4.84
C VAL A 313 15.81 9.20 3.34
N PHE A 314 15.19 10.13 2.63
CA PHE A 314 15.35 10.24 1.19
C PHE A 314 16.15 11.49 0.87
N SER A 315 17.40 11.33 0.48
CA SER A 315 18.21 12.46 0.07
C SER A 315 17.74 12.97 -1.27
N LEU A 316 17.34 14.23 -1.32
CA LEU A 316 16.66 14.84 -2.44
C LEU A 316 17.62 15.36 -3.50
N GLN A 317 18.76 15.92 -3.10
CA GLN A 317 19.71 16.40 -4.08
C GLN A 317 20.49 15.28 -4.75
N GLN A 318 20.53 14.10 -4.14
CA GLN A 318 21.19 12.96 -4.73
C GLN A 318 20.22 11.96 -5.29
N MET A 319 18.93 12.08 -4.97
CA MET A 319 17.86 11.18 -5.37
C MET A 319 18.16 9.75 -4.94
N THR A 320 18.42 9.57 -3.64
CA THR A 320 18.73 8.24 -3.11
C THR A 320 18.03 8.04 -1.78
N ALA A 321 17.42 6.88 -1.59
CA ALA A 321 16.80 6.56 -0.33
C ALA A 321 17.76 5.77 0.56
N HIS A 322 17.63 5.97 1.86
CA HIS A 322 18.53 5.42 2.85
C HIS A 322 17.72 4.90 4.01
N LYS A 323 18.24 3.88 4.69
CA LYS A 323 17.64 3.35 5.90
C LYS A 323 18.65 3.51 7.02
N ILE A 324 18.45 4.47 7.90
CA ILE A 324 19.33 4.69 9.02
C ILE A 324 18.89 3.77 10.14
N TYR A 325 19.81 2.93 10.64
CA TYR A 325 19.51 2.05 11.76
C TYR A 325 20.04 2.69 13.03
N ILE A 326 19.15 2.93 14.00
CA ILE A 326 19.51 3.66 15.20
C ILE A 326 18.86 2.97 16.39
N HIS A 327 19.52 3.02 17.55
CA HIS A 327 18.89 2.45 18.74
C HIS A 327 17.76 3.33 19.23
N SER A 328 16.92 2.75 20.08
CA SER A 328 15.75 3.47 20.56
C SER A 328 16.08 4.54 21.59
N TYR A 329 17.31 4.58 22.08
CA TYR A 329 17.70 5.51 23.13
C TYR A 329 18.81 6.45 22.70
N ASN A 330 19.11 6.57 21.41
CA ASN A 330 20.10 7.52 20.96
C ASN A 330 19.48 8.89 20.72
N THR A 331 20.31 9.91 20.85
CA THR A 331 19.88 11.28 20.69
C THR A 331 19.88 11.65 19.21
N ALA A 332 19.58 12.92 18.93
CA ALA A 332 19.58 13.39 17.56
C ALA A 332 20.97 13.61 17.01
N THR A 333 21.98 13.75 17.89
CA THR A 333 23.35 13.96 17.43
C THR A 333 23.87 12.73 16.70
N ILE A 334 23.55 11.55 17.21
CA ILE A 334 23.94 10.31 16.56
C ILE A 334 23.14 10.10 15.28
N PHE A 335 21.91 10.62 15.22
CA PHE A 335 21.15 10.57 13.98
C PHE A 335 21.77 11.43 12.91
N HIS A 336 22.26 12.63 13.26
CA HIS A 336 22.93 13.45 12.27
C HIS A 336 24.26 12.85 11.83
N GLU A 337 24.96 12.17 12.73
CA GLU A 337 26.20 11.52 12.33
C GLU A 337 25.93 10.33 11.41
N LEU A 338 24.84 9.60 11.64
CA LEU A 338 24.51 8.49 10.75
C LEU A 338 24.02 8.97 9.40
N VAL A 339 23.35 10.12 9.33
CA VAL A 339 23.00 10.67 8.02
C VAL A 339 24.24 11.17 7.30
N TYR A 340 25.23 11.70 8.04
CA TYR A 340 26.48 12.12 7.43
C TYR A 340 27.26 10.96 6.84
N LYS A 341 27.25 9.80 7.49
CA LYS A 341 28.04 8.68 6.99
C LYS A 341 27.53 8.12 5.68
N GLN A 342 26.28 8.40 5.31
CA GLN A 342 25.73 7.85 4.08
C GLN A 342 25.45 8.89 3.01
N THR A 343 25.07 10.11 3.35
CA THR A 343 24.76 11.12 2.36
C THR A 343 25.87 12.14 2.18
N LYS A 344 26.95 12.06 2.97
CA LYS A 344 28.11 12.96 2.92
C LYS A 344 27.71 14.42 3.12
N ILE A 345 26.76 14.67 4.00
CA ILE A 345 26.32 16.02 4.31
C ILE A 345 26.69 16.32 5.75
N ILE A 346 27.44 17.40 5.96
CA ILE A 346 27.92 17.78 7.28
C ILE A 346 26.73 18.17 8.15
N SER A 347 26.82 17.88 9.46
CA SER A 347 25.71 18.02 10.40
C SER A 347 25.15 19.43 10.51
N SER A 348 25.93 20.45 10.14
CA SER A 348 25.47 21.83 10.16
C SER A 348 24.83 22.26 8.84
N ASN A 349 24.51 21.33 7.96
CA ASN A 349 23.89 21.65 6.69
C ASN A 349 22.66 20.81 6.39
N GLN A 350 22.37 19.79 7.19
CA GLN A 350 21.23 18.93 6.95
C GLN A 350 19.96 19.66 7.33
N GLU A 351 19.11 19.93 6.36
CA GLU A 351 17.82 20.53 6.60
C GLU A 351 16.75 19.48 6.35
N LEU A 352 15.96 19.20 7.37
CA LEU A 352 15.02 18.09 7.36
C LEU A 352 13.62 18.58 7.08
N ILE A 353 12.88 17.83 6.27
CA ILE A 353 11.50 18.16 5.92
C ILE A 353 10.66 16.91 6.17
N TYR A 354 9.55 17.07 6.87
CA TYR A 354 8.67 15.94 7.18
C TYR A 354 7.22 16.43 7.09
N GLU A 355 6.50 15.99 6.05
CA GLU A 355 5.08 16.28 5.84
C GLU A 355 4.80 17.77 5.81
N GLY A 356 5.33 18.43 4.80
CA GLY A 356 5.06 19.84 4.72
C GLY A 356 6.14 20.64 5.40
N ARG A 357 5.92 20.97 6.68
CA ARG A 357 6.78 21.88 7.42
C ARG A 357 8.16 21.29 7.64
N ARG A 358 9.04 22.09 8.24
CA ARG A 358 10.40 21.67 8.53
C ARG A 358 10.41 20.73 9.73
N LEU A 359 11.61 20.39 10.17
CA LEU A 359 11.76 19.49 11.30
C LEU A 359 13.01 19.92 12.03
N VAL A 360 12.88 20.42 13.25
CA VAL A 360 14.01 20.90 14.01
C VAL A 360 14.18 19.94 15.19
N LEU A 361 15.10 19.01 15.07
CA LEU A 361 15.37 18.03 16.10
C LEU A 361 16.35 18.64 17.09
N GLU A 362 15.88 18.94 18.29
CA GLU A 362 16.78 19.40 19.32
C GLU A 362 17.70 18.25 19.74
N PRO A 363 18.97 18.51 20.05
CA PRO A 363 19.94 17.42 20.19
C PRO A 363 19.81 16.57 21.44
N GLY A 364 18.77 16.79 22.24
CA GLY A 364 18.53 15.92 23.37
C GLY A 364 17.29 15.09 23.22
N ARG A 365 16.84 14.91 21.98
CA ARG A 365 15.59 14.21 21.69
C ARG A 365 15.92 12.78 21.36
N LEU A 366 15.32 11.84 22.10
CA LEU A 366 15.62 10.43 21.91
C LEU A 366 15.00 9.93 20.61
N ALA A 367 15.60 8.87 20.08
CA ALA A 367 15.20 8.40 18.76
C ALA A 367 13.88 7.65 18.75
N GLN A 368 13.31 7.34 19.91
CA GLN A 368 11.98 6.75 19.94
C GLN A 368 10.90 7.80 19.97
N HIS A 369 11.26 9.09 20.00
CA HIS A 369 10.32 10.19 19.92
C HIS A 369 10.40 10.92 18.59
N PHE A 370 11.09 10.36 17.61
CA PHE A 370 11.03 10.84 16.25
C PHE A 370 9.68 10.49 15.64
N PRO A 371 9.26 11.17 14.59
CA PRO A 371 8.03 10.76 13.92
C PRO A 371 8.19 9.46 13.16
N LYS A 372 7.07 8.77 12.98
CA LYS A 372 7.07 7.45 12.35
C LYS A 372 7.14 7.58 10.84
N THR A 373 8.10 6.90 10.23
CA THR A 373 8.35 6.97 8.80
C THR A 373 8.20 5.59 8.16
N THR A 374 7.79 5.58 6.90
CA THR A 374 7.74 4.38 6.08
C THR A 374 8.61 4.61 4.85
N GLU A 375 8.56 3.69 3.89
CA GLU A 375 9.30 3.94 2.66
C GLU A 375 8.64 4.98 1.79
N GLU A 376 7.32 5.09 1.83
CA GLU A 376 6.61 6.10 1.07
C GLU A 376 6.36 7.36 1.85
N ASN A 377 6.83 7.45 3.09
CA ASN A 377 6.76 8.67 3.89
C ASN A 377 8.11 8.88 4.55
N PRO A 378 9.10 9.40 3.83
CA PRO A 378 10.43 9.57 4.42
C PRO A 378 10.63 10.92 5.07
N ILE A 379 11.85 11.17 5.52
CA ILE A 379 12.27 12.48 6.01
C ILE A 379 13.25 13.03 4.98
N PHE A 380 12.88 14.08 4.28
CA PHE A 380 13.71 14.58 3.20
C PHE A 380 14.87 15.41 3.74
N VAL A 381 16.06 15.19 3.18
CA VAL A 381 17.26 15.92 3.55
C VAL A 381 17.68 16.80 2.39
N VAL A 382 17.70 18.10 2.61
CA VAL A 382 18.17 19.05 1.61
C VAL A 382 19.33 19.82 2.22
N SER A 383 20.36 20.08 1.44
CA SER A 383 21.48 20.90 1.83
C SER A 383 21.43 22.24 1.12
N ARG A 384 22.45 23.07 1.36
CA ARG A 384 22.60 24.33 0.66
C ARG A 384 23.76 24.34 -0.31
N GLU A 385 24.71 23.48 -0.14
CA GLU A 385 25.93 23.29 -0.91
C GLU A 385 25.76 22.12 -1.87
N PRO A 386 26.36 22.16 -3.07
CA PRO A 386 25.97 21.22 -4.12
C PRO A 386 26.52 19.82 -3.91
N LEU A 387 25.78 18.85 -4.45
CA LEU A 387 26.16 17.44 -4.39
C LEU A 387 26.08 16.83 -5.79
N ASN A 388 26.19 15.51 -5.90
CA ASN A 388 26.12 14.81 -7.17
C ASN A 388 24.84 14.00 -7.23
N THR A 389 24.04 14.21 -8.26
CA THR A 389 22.78 13.49 -8.44
C THR A 389 23.10 12.10 -9.00
N ILE A 390 22.98 11.08 -8.15
CA ILE A 390 23.39 9.73 -8.50
C ILE A 390 22.24 8.97 -9.13
N GLY A 391 21.17 8.78 -8.38
CA GLY A 391 20.08 7.94 -8.80
C GLY A 391 20.15 6.58 -8.15
N LEU A 392 19.50 5.62 -8.79
CA LEU A 392 19.52 4.24 -8.34
C LEU A 392 20.62 3.49 -9.06
N ILE A 393 21.43 2.76 -8.31
CA ILE A 393 22.51 1.97 -8.87
C ILE A 393 22.09 0.52 -8.85
N TYR A 394 21.85 -0.05 -10.02
CA TYR A 394 21.36 -1.42 -10.13
C TYR A 394 22.20 -2.16 -11.16
N GLU A 395 22.10 -3.48 -11.13
CA GLU A 395 22.88 -4.36 -11.97
C GLU A 395 22.18 -4.54 -13.32
N LYS A 396 22.98 -4.65 -14.37
CA LYS A 396 22.44 -4.93 -15.70
C LYS A 396 22.43 -6.44 -15.92
N ILE A 397 21.24 -7.04 -15.86
CA ILE A 397 21.07 -8.48 -16.03
C ILE A 397 20.40 -8.71 -17.38
N SER A 398 20.97 -9.60 -18.19
CA SER A 398 20.42 -9.95 -19.49
C SER A 398 19.87 -11.37 -19.46
N LEU A 399 19.11 -11.71 -20.49
CA LEU A 399 18.53 -13.05 -20.55
C LEU A 399 19.56 -14.05 -21.06
N PRO A 400 19.63 -15.24 -20.49
CA PRO A 400 20.54 -16.26 -21.00
C PRO A 400 20.08 -16.81 -22.33
N LYS A 401 21.01 -17.43 -23.04
CA LYS A 401 20.71 -18.04 -24.33
C LYS A 401 19.94 -19.33 -24.10
N VAL A 402 18.79 -19.45 -24.75
CA VAL A 402 18.01 -20.68 -24.64
C VAL A 402 18.65 -21.75 -25.51
N HIS A 403 18.73 -22.94 -24.98
CA HIS A 403 19.40 -24.01 -25.70
C HIS A 403 18.37 -24.84 -26.43
N PRO A 404 18.56 -25.15 -27.72
CA PRO A 404 17.44 -25.66 -28.52
C PRO A 404 17.13 -27.13 -28.35
N ARG A 405 18.02 -27.93 -27.79
CA ARG A 405 17.80 -29.36 -27.71
C ARG A 405 16.72 -29.71 -26.70
N TYR A 406 16.03 -30.81 -26.95
CA TYR A 406 15.06 -31.37 -26.03
C TYR A 406 15.83 -32.09 -24.93
N ASP A 407 16.15 -31.35 -23.87
CA ASP A 407 16.81 -31.91 -22.70
C ASP A 407 15.90 -31.62 -21.52
N LEU A 408 15.33 -32.66 -20.94
CA LEU A 408 14.25 -32.47 -20.00
C LEU A 408 14.74 -32.07 -18.60
N ASP A 409 16.02 -32.21 -18.31
CA ASP A 409 16.56 -31.65 -17.08
C ASP A 409 17.05 -30.21 -17.25
N GLY A 410 17.53 -29.86 -18.44
CA GLY A 410 18.01 -28.50 -18.65
C GLY A 410 16.89 -27.50 -18.80
N ASP A 411 15.68 -27.95 -19.12
CA ASP A 411 14.57 -27.04 -19.29
C ASP A 411 14.14 -26.43 -17.96
N ALA A 412 14.19 -27.20 -16.88
CA ALA A 412 13.81 -26.66 -15.58
C ALA A 412 14.81 -25.62 -15.10
N SER A 413 16.11 -25.86 -15.34
CA SER A 413 17.13 -24.90 -14.98
C SER A 413 17.03 -23.62 -15.82
N MET A 414 16.76 -23.77 -17.12
CA MET A 414 16.57 -22.61 -17.99
C MET A 414 15.35 -21.80 -17.59
N ALA A 415 14.24 -22.47 -17.24
CA ALA A 415 13.04 -21.77 -16.82
C ALA A 415 13.25 -21.03 -15.51
N LYS A 416 13.98 -21.65 -14.58
CA LYS A 416 14.26 -20.98 -13.30
C LYS A 416 15.15 -19.76 -13.49
N ALA A 417 16.19 -19.87 -14.32
CA ALA A 417 17.08 -18.72 -14.52
C ALA A 417 16.40 -17.57 -15.25
N ILE A 418 15.57 -17.86 -16.24
CA ILE A 418 14.90 -16.79 -16.97
C ILE A 418 13.83 -16.11 -16.11
N THR A 419 13.09 -16.90 -15.32
CA THR A 419 12.10 -16.31 -14.43
C THR A 419 12.75 -15.49 -13.32
N GLY A 420 13.96 -15.88 -12.89
CA GLY A 420 14.67 -15.07 -11.91
C GLY A 420 15.11 -13.73 -12.46
N VAL A 421 15.50 -13.70 -13.74
CA VAL A 421 15.89 -12.44 -14.38
C VAL A 421 14.69 -11.50 -14.49
N VAL A 422 13.53 -12.03 -14.89
CA VAL A 422 12.36 -11.17 -15.02
C VAL A 422 11.82 -10.71 -13.66
N CYS A 423 11.98 -11.54 -12.61
CA CYS A 423 11.61 -11.10 -11.26
C CYS A 423 12.51 -9.96 -10.76
N TYR A 424 13.81 -10.05 -11.05
CA TYR A 424 14.72 -8.96 -10.70
C TYR A 424 14.35 -7.68 -11.42
N ALA A 425 13.94 -7.80 -12.69
CA ALA A 425 13.54 -6.62 -13.46
C ALA A 425 12.27 -6.00 -12.91
N CYS A 426 11.32 -6.81 -12.45
CA CYS A 426 10.09 -6.28 -11.86
C CYS A 426 10.37 -5.54 -10.55
N ARG A 427 11.30 -6.07 -9.75
CA ARG A 427 11.67 -5.39 -8.50
C ARG A 427 12.35 -4.05 -8.77
N ILE A 428 13.24 -4.00 -9.76
CA ILE A 428 13.89 -2.74 -10.10
C ILE A 428 12.90 -1.73 -10.67
N ALA A 429 11.87 -2.22 -11.39
CA ALA A 429 10.87 -1.32 -11.95
C ALA A 429 10.05 -0.66 -10.86
N SER A 430 9.67 -1.42 -9.84
CA SER A 430 8.92 -0.81 -8.74
C SER A 430 9.77 0.17 -7.94
N THR A 431 11.07 -0.12 -7.80
CA THR A 431 11.95 0.82 -7.09
C THR A 431 12.14 2.13 -7.86
N LEU A 432 12.22 2.05 -9.19
CA LEU A 432 12.36 3.28 -9.99
C LEU A 432 11.10 4.12 -9.91
N LEU A 433 9.93 3.48 -9.91
CA LEU A 433 8.69 4.23 -9.76
C LEU A 433 8.58 4.90 -8.38
N LEU A 434 9.05 4.21 -7.34
CA LEU A 434 9.04 4.81 -6.01
C LEU A 434 9.94 6.04 -5.92
N TYR A 435 11.12 5.98 -6.56
CA TYR A 435 12.01 7.14 -6.53
C TYR A 435 11.40 8.33 -7.27
N GLN A 436 10.73 8.08 -8.39
CA GLN A 436 10.14 9.21 -9.12
C GLN A 436 9.00 9.86 -8.34
N GLU A 437 8.20 9.05 -7.64
CA GLU A 437 7.11 9.61 -6.86
C GLU A 437 7.60 10.43 -5.67
N LEU A 438 8.63 9.93 -4.96
CA LEU A 438 9.18 10.69 -3.85
C LEU A 438 9.87 11.95 -4.33
N MET A 439 10.44 11.91 -5.54
CA MET A 439 11.10 13.10 -6.07
C MET A 439 10.07 14.19 -6.39
N ARG A 440 8.95 13.80 -6.98
CA ARG A 440 7.88 14.77 -7.27
C ARG A 440 7.33 15.39 -5.99
N LYS A 441 7.16 14.57 -4.95
CA LYS A 441 6.62 15.10 -3.69
C LYS A 441 7.60 16.03 -2.99
N GLY A 442 8.88 15.69 -2.98
CA GLY A 442 9.87 16.53 -2.32
C GLY A 442 10.07 17.87 -3.03
N ILE A 443 10.02 17.88 -4.36
CA ILE A 443 10.09 19.13 -5.10
C ILE A 443 8.90 20.02 -4.79
N ARG A 444 7.69 19.44 -4.76
CA ARG A 444 6.49 20.20 -4.47
C ARG A 444 6.48 20.79 -3.06
N TRP A 445 7.10 20.12 -2.10
CA TRP A 445 7.21 20.72 -0.77
C TRP A 445 8.30 21.79 -0.67
N LEU A 446 9.41 21.58 -1.37
CA LEU A 446 10.54 22.50 -1.25
C LEU A 446 10.22 23.87 -1.84
N ILE A 447 9.40 23.93 -2.88
CA ILE A 447 9.01 25.23 -3.43
C ILE A 447 8.18 26.04 -2.42
N GLU A 448 7.33 25.36 -1.65
CA GLU A 448 6.52 26.05 -0.64
C GLU A 448 7.38 26.58 0.49
N LEU A 449 8.41 25.82 0.87
CA LEU A 449 9.31 26.33 1.91
C LEU A 449 10.12 27.53 1.43
N ILE A 450 10.52 27.53 0.16
CA ILE A 450 11.19 28.71 -0.41
C ILE A 450 10.27 29.92 -0.40
N LYS A 451 8.99 29.71 -0.73
CA LYS A 451 8.05 30.83 -0.74
C LYS A 451 7.79 31.37 0.66
N ASP A 452 7.85 30.51 1.68
CA ASP A 452 7.65 31.01 3.04
C ASP A 452 8.84 31.87 3.49
N ASP A 453 10.05 31.46 3.14
CA ASP A 453 11.22 32.31 3.43
C ASP A 453 11.13 33.64 2.69
N TYR A 454 10.66 33.61 1.45
CA TYR A 454 10.41 34.82 0.65
C TYR A 454 9.44 35.76 1.35
N ASN A 455 8.31 35.24 1.83
CA ASN A 455 7.27 36.08 2.40
C ASN A 455 7.71 36.72 3.72
N GLU A 456 8.45 35.98 4.55
CA GLU A 456 8.89 36.59 5.81
C GLU A 456 9.95 37.65 5.55
N THR A 457 10.80 37.45 4.52
CA THR A 457 11.75 38.49 4.13
C THR A 457 11.04 39.74 3.62
N VAL A 458 9.96 39.55 2.85
CA VAL A 458 9.21 40.68 2.27
C VAL A 458 8.60 41.54 3.37
N HIS A 459 7.91 40.92 4.34
CA HIS A 459 7.23 41.80 5.29
C HIS A 459 8.18 42.35 6.35
N LYS A 460 9.29 41.65 6.65
CA LYS A 460 10.34 42.26 7.47
C LYS A 460 10.94 43.48 6.79
N LYS A 461 11.16 43.40 5.48
CA LYS A 461 11.67 44.54 4.73
C LYS A 461 10.69 45.69 4.74
N THR A 462 9.40 45.41 4.60
CA THR A 462 8.38 46.47 4.61
C THR A 462 8.34 47.20 5.96
N GLU A 463 8.53 46.45 7.05
CA GLU A 463 8.65 47.07 8.37
C GLU A 463 9.86 48.01 8.46
N VAL A 464 11.02 47.54 7.97
CA VAL A 464 12.22 48.38 8.01
C VAL A 464 12.06 49.60 7.10
N VAL A 465 11.33 49.45 5.99
CA VAL A 465 11.04 50.56 5.08
C VAL A 465 10.21 51.64 5.77
N ILE A 466 9.16 51.22 6.50
CA ILE A 466 8.34 52.18 7.24
C ILE A 466 9.16 52.95 8.27
N THR A 467 10.01 52.23 9.02
CA THR A 467 10.84 52.88 10.03
C THR A 467 11.85 53.85 9.41
N LEU A 468 12.46 53.45 8.29
CA LEU A 468 13.43 54.29 7.60
C LEU A 468 12.82 55.56 7.06
N ASP A 469 11.66 55.44 6.42
CA ASP A 469 11.01 56.60 5.81
C ASP A 469 10.50 57.56 6.88
N PHE A 470 10.06 57.02 8.02
CA PHE A 470 9.67 57.88 9.12
C PHE A 470 10.86 58.63 9.71
N CYS A 471 12.00 57.96 9.86
CA CYS A 471 13.17 58.62 10.42
C CYS A 471 13.68 59.73 9.50
N ILE A 472 13.66 59.48 8.18
CA ILE A 472 14.01 60.49 7.18
C ILE A 472 13.09 61.71 7.30
N ARG A 473 11.78 61.47 7.26
CA ARG A 473 10.80 62.55 7.25
C ARG A 473 10.87 63.36 8.55
N ASN A 474 11.04 62.68 9.67
CA ASN A 474 11.10 63.33 10.98
C ASN A 474 12.32 64.22 11.10
N ILE A 475 13.51 63.69 10.79
CA ILE A 475 14.73 64.47 11.02
C ILE A 475 14.83 65.61 10.02
N GLU A 476 14.30 65.43 8.80
CA GLU A 476 14.40 66.48 7.80
C GLU A 476 13.41 67.60 8.07
N LYS A 477 12.20 67.26 8.53
CA LYS A 477 11.25 68.30 8.91
C LYS A 477 11.76 69.08 10.13
N THR A 478 12.37 68.40 11.09
CA THR A 478 12.89 69.07 12.28
C THR A 478 14.02 70.03 11.94
N VAL A 479 14.93 69.60 11.05
CA VAL A 479 16.01 70.50 10.63
C VAL A 479 15.49 71.67 9.79
N LYS A 480 14.55 71.42 8.87
CA LYS A 480 14.07 72.50 8.01
C LYS A 480 13.21 73.51 8.75
N VAL A 481 12.53 73.11 9.82
CA VAL A 481 11.77 74.07 10.61
C VAL A 481 12.64 74.78 11.65
N TYR A 482 13.56 74.05 12.32
CA TYR A 482 14.36 74.64 13.39
C TYR A 482 15.36 75.68 12.90
N GLU A 483 15.85 75.57 11.68
CA GLU A 483 16.87 76.48 11.19
C GLU A 483 16.30 77.81 10.67
N LYS A 484 15.00 78.05 10.86
CA LYS A 484 14.32 79.31 10.55
C LYS A 484 14.44 79.74 9.09
N GLY A 496 26.16 70.76 11.49
CA GLY A 496 26.72 69.70 12.29
C GLY A 496 26.77 68.37 11.57
N GLU A 497 26.21 67.32 12.18
CA GLU A 497 26.15 66.00 11.58
C GLU A 497 24.88 65.81 10.75
N ILE A 498 24.28 66.90 10.28
CA ILE A 498 23.02 66.81 9.56
C ILE A 498 23.23 66.18 8.19
N SER A 499 24.28 66.60 7.47
CA SER A 499 24.57 65.98 6.18
C SER A 499 25.10 64.57 6.36
N ASP A 500 25.81 64.32 7.47
CA ASP A 500 26.26 62.98 7.82
C ASP A 500 25.09 62.04 8.03
N ILE A 501 23.97 62.56 8.55
CA ILE A 501 22.75 61.76 8.63
C ILE A 501 22.11 61.62 7.26
N HIS A 502 21.91 62.74 6.58
CA HIS A 502 21.03 62.76 5.40
C HIS A 502 21.63 62.03 4.21
N THR A 503 22.95 62.13 4.02
CA THR A 503 23.62 61.40 2.95
C THR A 503 23.50 59.90 3.17
N LYS A 504 23.76 59.43 4.40
CA LYS A 504 23.69 58.02 4.70
C LYS A 504 22.26 57.48 4.57
N LEU A 505 21.27 58.27 4.97
CA LEU A 505 19.90 57.78 4.86
C LEU A 505 19.40 57.80 3.42
N LEU A 506 19.92 58.71 2.60
CA LEU A 506 19.65 58.65 1.16
C LEU A 506 20.29 57.40 0.54
N ARG A 507 21.50 57.04 1.00
CA ARG A 507 22.13 55.79 0.57
C ARG A 507 21.26 54.58 0.94
N LEU A 508 20.68 54.61 2.14
CA LEU A 508 19.85 53.50 2.57
C LEU A 508 18.58 53.38 1.74
N SER A 509 18.00 54.52 1.34
CA SER A 509 16.81 54.46 0.49
C SER A 509 17.15 53.95 -0.91
N SER A 510 18.32 54.31 -1.45
CA SER A 510 18.75 53.75 -2.72
C SER A 510 18.98 52.23 -2.63
N SER A 511 19.58 51.79 -1.51
CA SER A 511 19.78 50.36 -1.29
C SER A 511 18.46 49.61 -1.21
N GLN A 512 17.49 50.18 -0.48
CA GLN A 512 16.10 49.71 -0.47
C GLN A 512 15.51 49.58 -1.87
N GLY A 513 15.77 50.56 -2.72
CA GLY A 513 15.30 50.51 -4.09
C GLY A 513 15.89 49.36 -4.88
N THR A 514 17.13 48.99 -4.57
CA THR A 514 17.71 47.80 -5.22
C THR A 514 17.11 46.50 -4.66
N ILE A 515 16.90 46.45 -3.34
CA ILE A 515 16.36 45.25 -2.70
C ILE A 515 14.97 44.92 -3.24
N GLU A 516 14.17 45.96 -3.48
CA GLU A 516 12.79 45.73 -3.94
C GLU A 516 12.72 45.14 -5.34
N THR A 517 13.55 45.63 -6.27
CA THR A 517 13.51 45.03 -7.61
C THR A 517 14.15 43.65 -7.64
N SER A 518 15.08 43.36 -6.73
CA SER A 518 15.58 41.98 -6.65
C SER A 518 14.50 41.04 -6.12
N LEU A 519 13.70 41.51 -5.16
CA LEU A 519 12.59 40.68 -4.69
C LEU A 519 11.51 40.51 -5.75
N GLN A 520 11.33 41.52 -6.61
CA GLN A 520 10.38 41.37 -7.71
C GLN A 520 10.87 40.32 -8.72
N ASP A 521 12.18 40.28 -8.98
CA ASP A 521 12.72 39.24 -9.87
C ASP A 521 12.60 37.85 -9.26
N ILE A 522 12.81 37.73 -7.94
CA ILE A 522 12.67 36.42 -7.31
C ILE A 522 11.22 35.94 -7.33
N ASP A 523 10.26 36.86 -7.14
CA ASP A 523 8.86 36.46 -7.29
C ASP A 523 8.51 36.13 -8.73
N SER A 524 9.16 36.79 -9.69
CA SER A 524 8.95 36.44 -11.09
C SER A 524 9.48 35.05 -11.41
N ARG A 525 10.51 34.60 -10.71
CA ARG A 525 10.98 33.24 -10.95
C ARG A 525 10.13 32.21 -10.21
N LEU A 526 9.74 32.48 -8.96
CA LEU A 526 8.95 31.52 -8.20
C LEU A 526 7.48 31.47 -8.60
N SER A 527 7.03 32.32 -9.52
CA SER A 527 5.63 32.36 -9.87
C SER A 527 5.24 31.10 -10.64
N PRO A 528 4.00 30.62 -10.48
CA PRO A 528 3.54 29.47 -11.27
C PRO A 528 3.47 29.80 -12.75
N GLY A 529 4.34 29.17 -13.52
CA GLY A 529 4.56 29.51 -14.90
C GLY A 529 5.89 30.18 -15.17
N GLY A 530 6.77 30.24 -14.18
CA GLY A 530 8.08 30.86 -14.33
C GLY A 530 9.16 29.86 -14.67
N SER A 531 10.34 30.08 -14.11
CA SER A 531 11.48 29.21 -14.38
C SER A 531 11.65 28.10 -13.36
N LEU A 532 11.15 28.28 -12.15
CA LEU A 532 11.32 27.32 -11.07
C LEU A 532 9.97 26.70 -10.72
N ALA A 533 9.19 26.38 -11.74
CA ALA A 533 7.92 25.71 -11.54
C ALA A 533 8.08 24.23 -11.86
N ASP A 534 7.26 23.41 -11.19
CA ASP A 534 7.32 21.96 -11.32
C ASP A 534 6.28 21.44 -12.28
N ALA A 535 6.00 22.19 -13.35
CA ALA A 535 5.08 21.69 -14.37
C ALA A 535 5.72 20.63 -15.24
N TRP A 536 7.06 20.55 -15.25
CA TRP A 536 7.71 19.50 -16.03
C TRP A 536 7.58 18.15 -15.36
N ALA A 537 7.46 18.13 -14.02
CA ALA A 537 7.52 16.90 -13.26
C ALA A 537 6.28 16.03 -13.40
N HIS A 538 5.19 16.56 -13.96
CA HIS A 538 4.02 15.74 -14.23
C HIS A 538 3.96 15.35 -15.69
N GLN A 539 5.07 15.49 -16.41
CA GLN A 539 5.12 15.23 -17.84
C GLN A 539 6.28 14.35 -18.26
N GLU A 540 7.08 13.85 -17.33
CA GLU A 540 8.14 12.91 -17.65
C GLU A 540 8.17 11.81 -16.61
N GLY A 541 8.99 10.80 -16.86
CA GLY A 541 9.00 9.65 -16.00
C GLY A 541 7.75 8.82 -16.22
N THR A 542 7.52 7.92 -15.28
CA THR A 542 6.35 7.05 -15.31
C THR A 542 5.47 7.36 -14.11
N HIS A 543 4.18 7.27 -14.32
CA HIS A 543 3.18 7.54 -13.31
C HIS A 543 2.50 6.25 -12.89
N PRO A 544 1.88 6.20 -11.71
CA PRO A 544 1.15 4.99 -11.30
C PRO A 544 -0.12 4.72 -12.09
N LYS A 545 -0.58 5.63 -12.92
CA LYS A 545 -1.70 5.38 -13.81
C LYS A 545 -1.28 4.71 -15.11
N ASP A 546 0.02 4.61 -15.37
CA ASP A 546 0.50 3.90 -16.55
C ASP A 546 0.57 2.40 -16.34
N ARG A 547 0.71 1.97 -15.09
CA ARG A 547 0.61 0.57 -14.66
C ARG A 547 1.66 -0.32 -15.30
N ASN A 548 2.93 0.12 -15.25
CA ASN A 548 3.99 -0.66 -15.87
C ASN A 548 4.34 -1.90 -15.04
N VAL A 549 4.27 -1.79 -13.71
CA VAL A 549 4.64 -2.90 -12.85
C VAL A 549 3.63 -4.04 -12.96
N GLU A 550 2.35 -3.72 -13.14
CA GLU A 550 1.35 -4.76 -13.35
C GLU A 550 1.49 -5.43 -14.71
N LYS A 551 1.90 -4.67 -15.72
CA LYS A 551 2.17 -5.26 -17.03
C LYS A 551 3.35 -6.20 -16.99
N LEU A 552 4.37 -5.90 -16.18
CA LEU A 552 5.42 -6.89 -15.98
C LEU A 552 4.95 -8.07 -15.15
N GLN A 553 4.03 -7.84 -14.22
CA GLN A 553 3.58 -8.90 -13.33
C GLN A 553 2.71 -9.93 -14.05
N VAL A 554 1.96 -9.53 -15.06
CA VAL A 554 1.15 -10.48 -15.84
C VAL A 554 2.05 -11.45 -16.60
N LEU A 555 3.05 -10.91 -17.30
CA LEU A 555 4.03 -11.74 -18.00
C LEU A 555 4.82 -12.62 -17.05
N LEU A 556 5.10 -12.10 -15.85
CA LEU A 556 5.80 -12.89 -14.85
C LEU A 556 4.95 -14.05 -14.35
N ASN A 557 3.64 -13.86 -14.23
CA ASN A 557 2.78 -14.96 -13.78
C ASN A 557 2.67 -16.05 -14.84
N CYS A 558 2.62 -15.66 -16.13
CA CYS A 558 2.63 -16.66 -17.20
C CYS A 558 3.92 -17.48 -17.20
N MET A 559 5.06 -16.79 -17.02
CA MET A 559 6.33 -17.49 -16.99
C MET A 559 6.46 -18.40 -15.78
N THR A 560 5.94 -17.98 -14.62
CA THR A 560 6.00 -18.84 -13.44
C THR A 560 5.12 -20.07 -13.59
N GLU A 561 4.01 -19.95 -14.32
CA GLU A 561 3.19 -21.13 -14.57
C GLU A 561 3.89 -22.14 -15.47
N ILE A 562 4.57 -21.66 -16.52
CA ILE A 562 5.34 -22.57 -17.37
C ILE A 562 6.50 -23.19 -16.60
N TYR A 563 7.13 -22.43 -15.69
CA TYR A 563 8.20 -22.97 -14.86
C TYR A 563 7.72 -24.09 -13.94
N TYR A 564 6.54 -23.93 -13.35
CA TYR A 564 6.01 -24.98 -12.50
C TYR A 564 5.64 -26.21 -13.30
N GLN A 565 5.15 -26.03 -14.53
CA GLN A 565 4.83 -27.19 -15.35
C GLN A 565 6.08 -27.93 -15.78
N PHE A 566 7.18 -27.22 -16.06
CA PHE A 566 8.43 -27.89 -16.41
C PHE A 566 9.01 -28.62 -15.21
N LYS A 567 8.93 -28.02 -14.03
CA LYS A 567 9.45 -28.68 -12.83
C LYS A 567 8.62 -29.91 -12.47
N LYS A 568 7.32 -29.90 -12.79
CA LYS A 568 6.50 -31.09 -12.59
C LYS A 568 6.82 -32.15 -13.63
N ASP A 569 7.10 -31.75 -14.86
CA ASP A 569 7.47 -32.69 -15.91
C ASP A 569 8.88 -33.22 -15.77
N LYS A 570 9.71 -32.60 -14.94
CA LYS A 570 11.06 -33.11 -14.71
C LYS A 570 11.06 -34.32 -13.79
N ALA A 571 10.09 -34.44 -12.90
CA ALA A 571 10.03 -35.58 -12.00
C ALA A 571 9.59 -36.85 -12.72
N GLU A 572 8.66 -36.73 -13.67
CA GLU A 572 8.35 -37.83 -14.57
C GLU A 572 9.45 -37.92 -15.61
N ARG A 573 10.00 -39.13 -15.80
CA ARG A 573 11.26 -39.26 -16.53
C ARG A 573 11.07 -39.03 -18.02
N ARG A 574 9.96 -39.47 -18.59
CA ARG A 574 9.71 -39.30 -20.00
C ARG A 574 8.22 -39.05 -20.21
N LEU A 575 7.89 -38.47 -21.36
CA LEU A 575 6.54 -38.04 -21.65
C LEU A 575 6.02 -38.76 -22.88
N ALA A 576 4.73 -38.61 -23.14
CA ALA A 576 4.10 -39.19 -24.31
C ALA A 576 4.37 -38.32 -25.53
N TYR A 577 3.66 -38.56 -26.63
CA TYR A 577 3.92 -37.79 -27.84
C TYR A 577 3.37 -36.37 -27.72
N ASN A 578 2.05 -36.25 -27.48
CA ASN A 578 1.40 -34.96 -27.39
C ASN A 578 1.92 -34.14 -26.22
N GLU A 579 2.26 -34.80 -25.12
CA GLU A 579 2.82 -34.10 -23.97
C GLU A 579 4.19 -33.52 -24.29
N GLU A 580 4.99 -34.24 -25.08
CA GLU A 580 6.28 -33.71 -25.51
C GLU A 580 6.12 -32.55 -26.46
N GLN A 581 5.11 -32.59 -27.33
CA GLN A 581 4.92 -31.46 -28.24
C GLN A 581 4.47 -30.22 -27.49
N ILE A 582 3.55 -30.38 -26.52
CA ILE A 582 3.11 -29.26 -25.69
C ILE A 582 4.26 -28.72 -24.86
N HIS A 583 5.17 -29.60 -24.42
CA HIS A 583 6.39 -29.17 -23.74
C HIS A 583 7.25 -28.30 -24.63
N LYS A 584 7.39 -28.65 -25.90
CA LYS A 584 8.24 -27.86 -26.79
C LYS A 584 7.63 -26.51 -27.11
N PHE A 585 6.30 -26.47 -27.30
CA PHE A 585 5.64 -25.19 -27.54
C PHE A 585 5.72 -24.28 -26.32
N ASP A 586 5.60 -24.84 -25.12
CA ASP A 586 5.76 -24.04 -23.92
C ASP A 586 7.19 -23.56 -23.75
N LYS A 587 8.17 -24.37 -24.17
CA LYS A 587 9.57 -23.96 -24.07
C LYS A 587 9.85 -22.76 -24.95
N GLN A 588 9.25 -22.69 -26.13
CA GLN A 588 9.50 -21.47 -26.90
C GLN A 588 8.60 -20.31 -26.49
N LYS A 589 7.42 -20.58 -25.93
CA LYS A 589 6.55 -19.49 -25.53
C LYS A 589 7.06 -18.79 -24.27
N LEU A 590 7.76 -19.53 -23.40
CA LEU A 590 8.43 -18.93 -22.25
C LEU A 590 9.44 -17.87 -22.68
N TYR A 591 10.25 -18.19 -23.68
CA TYR A 591 11.25 -17.24 -24.13
C TYR A 591 10.61 -16.08 -24.89
N TYR A 592 9.46 -16.30 -25.51
CA TYR A 592 8.71 -15.18 -26.08
C TYR A 592 8.23 -14.20 -25.01
N HIS A 593 7.68 -14.72 -23.90
CA HIS A 593 7.27 -13.84 -22.80
C HIS A 593 8.45 -13.11 -22.18
N ALA A 594 9.60 -13.77 -22.09
CA ALA A 594 10.78 -13.12 -21.51
C ALA A 594 11.29 -12.01 -22.40
N THR A 595 11.31 -12.22 -23.72
CA THR A 595 11.73 -11.18 -24.64
C THR A 595 10.79 -9.99 -24.60
N LYS A 596 9.48 -10.26 -24.51
CA LYS A 596 8.50 -9.18 -24.44
C LYS A 596 8.65 -8.35 -23.16
N ALA A 597 8.85 -9.03 -22.02
CA ALA A 597 8.95 -8.31 -20.75
C ALA A 597 10.26 -7.53 -20.65
N MET A 598 11.38 -8.11 -21.09
CA MET A 598 12.62 -7.37 -21.00
C MET A 598 12.78 -6.31 -22.10
N THR A 599 11.94 -6.33 -23.14
CA THR A 599 11.90 -5.19 -24.03
C THR A 599 11.08 -4.06 -23.42
N HIS A 600 9.93 -4.40 -22.81
CA HIS A 600 9.10 -3.40 -22.15
C HIS A 600 9.82 -2.71 -21.01
N PHE A 601 10.64 -3.46 -20.26
CA PHE A 601 11.38 -2.86 -19.15
C PHE A 601 12.40 -1.84 -19.63
N THR A 602 13.30 -2.22 -20.53
CA THR A 602 14.34 -1.30 -20.93
C THR A 602 13.89 -0.25 -21.93
N ASP A 603 12.69 -0.32 -22.49
CA ASP A 603 12.24 0.75 -23.36
C ASP A 603 11.02 1.50 -22.85
N GLU A 604 10.55 1.22 -21.64
CA GLU A 604 9.47 2.01 -21.10
C GLU A 604 9.81 2.52 -19.71
N CYS A 605 10.54 1.72 -18.93
CA CYS A 605 10.81 2.06 -17.54
C CYS A 605 12.15 2.77 -17.35
N VAL A 606 13.21 2.26 -17.98
CA VAL A 606 14.54 2.81 -17.74
C VAL A 606 14.73 4.11 -18.51
N LYS A 607 14.20 4.20 -19.72
CA LYS A 607 14.44 5.36 -20.58
C LYS A 607 13.74 6.61 -20.05
N LYS A 608 12.48 6.48 -19.63
CA LYS A 608 11.76 7.59 -19.03
C LYS A 608 12.33 7.99 -17.69
N TYR A 609 12.85 7.03 -16.92
CA TYR A 609 13.56 7.35 -15.70
C TYR A 609 14.81 8.17 -15.96
N GLU A 610 15.56 7.83 -16.99
CA GLU A 610 16.77 8.59 -17.25
C GLU A 610 16.47 10.00 -17.77
N ALA A 611 15.35 10.17 -18.48
CA ALA A 611 14.90 11.51 -18.83
C ALA A 611 14.51 12.32 -17.60
N PHE A 612 13.82 11.68 -16.65
CA PHE A 612 13.41 12.37 -15.42
C PHE A 612 14.61 12.77 -14.58
N LEU A 613 15.61 11.89 -14.47
CA LEU A 613 16.84 12.19 -13.75
C LEU A 613 17.59 13.36 -14.39
N ASN A 614 17.65 13.37 -15.71
CA ASN A 614 18.37 14.41 -16.42
C ASN A 614 17.69 15.77 -16.29
N LYS A 615 16.35 15.81 -16.14
CA LYS A 615 15.72 17.10 -15.85
C LYS A 615 15.84 17.51 -14.39
N SER A 616 15.82 16.53 -13.47
CA SER A 616 15.91 16.84 -12.04
C SER A 616 17.24 17.46 -11.69
N GLU A 617 18.31 17.08 -12.40
CA GLU A 617 19.63 17.68 -12.14
C GLU A 617 19.62 19.19 -12.38
N GLU A 618 19.07 19.64 -13.50
CA GLU A 618 19.10 21.07 -13.77
C GLU A 618 18.08 21.82 -12.94
N TRP A 619 16.98 21.17 -12.53
CA TRP A 619 16.08 21.85 -11.60
C TRP A 619 16.75 22.07 -10.25
N ILE A 620 17.53 21.11 -9.78
CA ILE A 620 18.23 21.26 -8.50
C ILE A 620 19.29 22.35 -8.59
N ARG A 621 19.95 22.48 -9.74
CA ARG A 621 20.93 23.56 -9.90
C ARG A 621 20.27 24.94 -9.86
N LYS A 622 19.13 25.09 -10.54
CA LYS A 622 18.41 26.37 -10.52
C LYS A 622 17.88 26.71 -9.13
N MET A 623 17.41 25.68 -8.39
CA MET A 623 16.92 25.89 -7.03
C MET A 623 18.03 26.37 -6.10
N LEU A 624 19.21 25.77 -6.20
CA LEU A 624 20.31 26.18 -5.32
C LEU A 624 20.75 27.61 -5.61
N HIS A 625 20.74 28.02 -6.88
CA HIS A 625 21.09 29.40 -7.22
C HIS A 625 20.10 30.40 -6.61
N LEU A 626 18.79 30.13 -6.79
CA LEU A 626 17.78 31.05 -6.24
C LEU A 626 17.82 31.08 -4.72
N ARG A 627 18.03 29.93 -4.09
CA ARG A 627 18.00 29.86 -2.64
C ARG A 627 19.22 30.52 -2.02
N LYS A 628 20.33 30.63 -2.75
CA LYS A 628 21.46 31.41 -2.25
C LYS A 628 21.23 32.92 -2.38
N GLN A 629 20.66 33.36 -3.52
CA GLN A 629 20.40 34.79 -3.68
C GLN A 629 19.41 35.34 -2.66
N LEU A 630 18.40 34.52 -2.30
CA LEU A 630 17.43 34.97 -1.30
C LEU A 630 18.07 35.17 0.07
N LEU A 631 19.04 34.32 0.42
CA LEU A 631 19.73 34.46 1.69
C LEU A 631 20.59 35.72 1.71
N SER A 632 21.20 36.05 0.56
CA SER A 632 21.97 37.30 0.49
C SER A 632 21.07 38.52 0.70
N LEU A 633 19.87 38.53 0.10
CA LEU A 633 18.96 39.65 0.30
C LEU A 633 18.48 39.76 1.74
N THR A 634 18.24 38.61 2.39
CA THR A 634 17.81 38.63 3.79
C THR A 634 18.88 39.21 4.71
N ASN A 635 20.15 38.85 4.46
CA ASN A 635 21.21 39.39 5.29
C ASN A 635 21.43 40.88 5.05
N GLN A 636 21.23 41.35 3.81
CA GLN A 636 21.34 42.79 3.55
C GLN A 636 20.24 43.57 4.24
N CYS A 637 19.03 43.03 4.29
CA CYS A 637 17.95 43.68 5.02
C CYS A 637 18.22 43.72 6.52
N PHE A 638 18.82 42.66 7.08
CA PHE A 638 19.17 42.72 8.49
C PHE A 638 20.26 43.75 8.78
N ASP A 639 21.22 43.92 7.85
CA ASP A 639 22.23 44.97 8.04
C ASP A 639 21.61 46.37 8.01
N ILE A 640 20.67 46.60 7.08
CA ILE A 640 20.00 47.90 7.03
C ILE A 640 19.19 48.14 8.31
N GLU A 641 18.54 47.10 8.85
CA GLU A 641 17.78 47.27 10.09
C GLU A 641 18.70 47.56 11.28
N GLU A 642 19.86 46.90 11.33
CA GLU A 642 20.84 47.17 12.39
C GLU A 642 21.38 48.58 12.32
N GLU A 643 21.47 49.16 11.12
CA GLU A 643 21.87 50.58 11.04
C GLU A 643 20.72 51.51 11.43
N VAL A 644 19.50 51.19 10.97
CA VAL A 644 18.34 52.06 11.14
C VAL A 644 17.96 52.21 12.60
N SER A 645 18.20 51.17 13.41
CA SER A 645 17.89 51.25 14.85
C SER A 645 18.71 52.34 15.56
N LYS A 646 20.03 52.36 15.32
CA LYS A 646 20.89 53.33 15.97
C LYS A 646 20.63 54.74 15.45
N TYR A 647 20.39 54.86 14.14
CA TYR A 647 20.12 56.18 13.57
C TYR A 647 18.77 56.72 14.05
N GLN A 648 17.81 55.82 14.29
CA GLN A 648 16.52 56.23 14.82
C GLN A 648 16.65 56.69 16.27
N GLU A 649 17.52 56.03 17.04
CA GLU A 649 17.77 56.46 18.41
C GLU A 649 18.38 57.85 18.46
N TYR A 650 19.37 58.11 17.60
CA TYR A 650 20.00 59.43 17.57
C TYR A 650 19.02 60.50 17.07
N THR A 651 18.15 60.11 16.13
CA THR A 651 17.11 61.02 15.64
C THR A 651 16.15 61.39 16.76
N ASN A 652 15.70 60.41 17.53
CA ASN A 652 14.74 60.67 18.60
C ASN A 652 15.35 61.49 19.72
N GLU A 653 16.65 61.27 19.99
CA GLU A 653 17.35 62.10 20.97
C GLU A 653 17.44 63.54 20.50
N LEU A 654 17.69 63.75 19.20
CA LEU A 654 17.76 65.11 18.69
C LEU A 654 16.37 65.75 18.63
N GLN A 655 15.33 64.94 18.50
CA GLN A 655 13.96 65.44 18.62
C GLN A 655 13.69 65.93 20.03
N GLU A 656 14.08 65.15 21.03
CA GLU A 656 13.79 65.47 22.41
C GLU A 656 14.61 66.63 22.95
N THR A 657 15.86 66.81 22.51
CA THR A 657 16.70 67.85 23.08
C THR A 657 16.44 69.23 22.51
N LEU A 658 15.66 69.35 21.44
CA LEU A 658 15.41 70.66 20.83
C LEU A 658 13.94 70.84 20.49
N ASP B 369 13.74 -31.77 -32.16
CA ASP B 369 14.04 -30.47 -31.57
C ASP B 369 12.88 -29.51 -31.72
N LEU B 370 12.53 -29.20 -32.96
CA LEU B 370 11.44 -28.28 -33.22
C LEU B 370 10.10 -28.96 -32.97
N PRO B 371 9.10 -28.21 -32.51
CA PRO B 371 7.77 -28.79 -32.37
C PRO B 371 7.09 -28.99 -33.71
N GLN B 372 6.49 -30.15 -33.86
CA GLN B 372 5.71 -30.74 -34.92
C GLN B 372 4.26 -30.84 -34.46
N PRO B 373 3.28 -30.78 -35.37
CA PRO B 373 1.89 -30.65 -34.95
C PRO B 373 1.35 -31.88 -34.28
N LEU B 374 0.32 -31.66 -33.46
CA LEU B 374 -0.27 -32.69 -32.62
C LEU B 374 -1.02 -33.71 -33.47
N ARG B 375 -1.42 -34.80 -32.83
CA ARG B 375 -2.13 -35.85 -33.53
C ARG B 375 -3.00 -36.59 -32.54
N SER B 376 -4.02 -37.24 -33.07
CA SER B 376 -4.95 -38.06 -32.28
C SER B 376 -4.95 -39.45 -32.90
N ASP B 377 -4.21 -40.37 -32.29
CA ASP B 377 -4.04 -41.71 -32.83
C ASP B 377 -3.96 -42.75 -31.71
N MET C 1 -10.79 -39.62 -26.59
CA MET C 1 -10.85 -38.23 -27.05
C MET C 1 -11.58 -38.13 -28.38
N GLN C 2 -11.76 -36.90 -28.84
CA GLN C 2 -12.37 -36.63 -30.13
C GLN C 2 -11.48 -35.65 -30.89
N SER C 3 -11.88 -35.32 -32.12
CA SER C 3 -11.03 -34.50 -32.96
C SER C 3 -11.87 -33.85 -34.06
N THR C 4 -11.29 -32.82 -34.66
CA THR C 4 -11.79 -32.22 -35.89
C THR C 4 -10.65 -32.21 -36.88
N SER C 5 -10.79 -31.48 -37.97
CA SER C 5 -9.69 -31.37 -38.92
C SER C 5 -8.54 -30.55 -38.38
N ASN C 6 -8.76 -29.69 -37.38
CA ASN C 6 -7.71 -28.84 -36.85
C ASN C 6 -7.67 -28.72 -35.35
N HIS C 7 -8.55 -29.39 -34.61
CA HIS C 7 -8.59 -29.24 -33.16
C HIS C 7 -8.85 -30.60 -32.55
N LEU C 8 -8.46 -30.76 -31.29
CA LEU C 8 -8.65 -32.02 -30.61
C LEU C 8 -8.83 -31.76 -29.13
N TRP C 9 -9.56 -32.64 -28.46
CA TRP C 9 -9.85 -32.42 -27.05
C TRP C 9 -10.10 -33.74 -26.35
N LEU C 10 -9.63 -33.84 -25.11
CA LEU C 10 -9.93 -34.99 -24.26
C LEU C 10 -11.28 -34.79 -23.59
N LEU C 11 -12.01 -35.88 -23.41
CA LEU C 11 -13.35 -35.75 -22.85
C LEU C 11 -13.37 -35.59 -21.34
N SER C 12 -12.25 -35.73 -20.66
CA SER C 12 -12.18 -35.37 -19.24
C SER C 12 -11.72 -33.92 -19.07
N ASP C 13 -12.33 -33.02 -19.83
CA ASP C 13 -11.99 -31.60 -19.84
C ASP C 13 -13.26 -30.77 -19.96
N ILE C 14 -14.35 -31.22 -19.34
CA ILE C 14 -15.66 -30.64 -19.57
C ILE C 14 -15.75 -29.29 -18.87
N LEU C 15 -15.75 -28.22 -19.65
CA LEU C 15 -15.99 -26.90 -19.10
C LEU C 15 -17.45 -26.65 -18.81
N GLY C 16 -18.34 -27.37 -19.49
CA GLY C 16 -19.76 -27.15 -19.23
C GLY C 16 -20.71 -28.14 -19.86
N GLN C 17 -21.63 -28.66 -19.07
CA GLN C 17 -22.72 -29.48 -19.57
C GLN C 17 -23.92 -28.61 -19.92
N GLY C 18 -24.83 -29.20 -20.68
CA GLY C 18 -26.04 -28.50 -21.09
C GLY C 18 -26.88 -29.41 -21.94
N ALA C 19 -28.16 -29.07 -22.02
CA ALA C 19 -29.11 -29.84 -22.80
C ALA C 19 -29.02 -29.57 -24.30
N THR C 20 -28.22 -28.59 -24.69
CA THR C 20 -28.03 -28.22 -26.09
C THR C 20 -26.67 -28.64 -26.63
N ALA C 21 -25.62 -28.50 -25.84
CA ALA C 21 -24.26 -28.72 -26.31
C ALA C 21 -23.37 -29.09 -25.13
N ASN C 22 -22.11 -29.36 -25.41
CA ASN C 22 -21.11 -29.61 -24.39
C ASN C 22 -19.88 -28.76 -24.69
N VAL C 23 -19.36 -28.07 -23.68
CA VAL C 23 -18.21 -27.20 -23.87
C VAL C 23 -17.01 -27.87 -23.24
N PHE C 24 -16.02 -28.20 -24.07
CA PHE C 24 -14.77 -28.82 -23.67
C PHE C 24 -13.63 -27.82 -23.83
N ARG C 25 -12.52 -28.11 -23.19
CA ARG C 25 -11.29 -27.36 -23.36
C ARG C 25 -10.37 -28.14 -24.30
N GLY C 26 -10.12 -27.59 -25.48
CA GLY C 26 -9.26 -28.30 -26.40
C GLY C 26 -8.15 -27.41 -26.89
N ARG C 27 -7.42 -27.84 -27.91
CA ARG C 27 -6.29 -27.06 -28.34
C ARG C 27 -6.06 -27.23 -29.82
N HIS C 28 -5.51 -26.20 -30.45
CA HIS C 28 -5.26 -26.18 -31.88
C HIS C 28 -4.16 -27.19 -32.20
N LYS C 29 -4.32 -27.89 -33.31
CA LYS C 29 -3.52 -29.08 -33.57
C LYS C 29 -2.11 -28.74 -34.01
N LYS C 30 -1.91 -27.59 -34.66
CA LYS C 30 -0.59 -27.27 -35.19
C LYS C 30 0.18 -26.27 -34.36
N THR C 31 -0.49 -25.42 -33.58
CA THR C 31 0.20 -24.42 -32.78
C THR C 31 0.05 -24.63 -31.28
N GLY C 32 -0.80 -25.55 -30.83
CA GLY C 32 -0.93 -25.85 -29.44
C GLY C 32 -1.71 -24.85 -28.60
N ASP C 33 -2.28 -23.82 -29.21
CA ASP C 33 -3.01 -22.80 -28.45
C ASP C 33 -4.36 -23.33 -28.01
N LEU C 34 -4.77 -22.93 -26.81
CA LEU C 34 -6.00 -23.46 -26.22
C LEU C 34 -7.23 -22.74 -26.74
N PHE C 35 -8.34 -23.47 -26.80
CA PHE C 35 -9.62 -22.93 -27.20
C PHE C 35 -10.72 -23.65 -26.44
N ALA C 36 -11.92 -23.09 -26.52
CA ALA C 36 -13.10 -23.75 -25.99
C ALA C 36 -13.93 -24.25 -27.17
N ILE C 37 -14.27 -25.53 -27.13
CA ILE C 37 -14.98 -26.18 -28.22
C ILE C 37 -16.38 -26.52 -27.74
N LYS C 38 -17.38 -26.04 -28.47
CA LYS C 38 -18.78 -26.27 -28.15
C LYS C 38 -19.31 -27.29 -29.15
N VAL C 39 -19.53 -28.52 -28.69
CA VAL C 39 -19.96 -29.61 -29.54
C VAL C 39 -21.47 -29.75 -29.41
N PHE C 40 -22.18 -29.66 -30.54
CA PHE C 40 -23.62 -29.90 -30.49
C PHE C 40 -23.92 -31.39 -30.54
N ASN C 41 -25.19 -31.73 -30.36
CA ASN C 41 -25.63 -33.13 -30.45
C ASN C 41 -27.06 -33.18 -30.97
N ASN C 42 -27.18 -33.32 -32.29
CA ASN C 42 -28.47 -33.40 -32.96
C ASN C 42 -28.29 -34.15 -34.28
N VAL C 49 -31.36 -26.10 -41.59
CA VAL C 49 -30.26 -26.11 -40.63
C VAL C 49 -29.39 -24.87 -40.87
N ASP C 50 -29.55 -24.26 -42.04
CA ASP C 50 -28.70 -23.15 -42.46
C ASP C 50 -29.12 -21.82 -41.83
N VAL C 51 -30.23 -21.79 -41.09
CA VAL C 51 -30.59 -20.61 -40.32
C VAL C 51 -29.54 -20.34 -39.25
N GLN C 52 -29.19 -21.38 -38.49
CA GLN C 52 -28.21 -21.22 -37.43
C GLN C 52 -26.80 -21.08 -37.99
N MET C 53 -26.57 -21.61 -39.20
CA MET C 53 -25.31 -21.39 -39.88
C MET C 53 -25.15 -19.93 -40.29
N ARG C 54 -26.24 -19.30 -40.76
CA ARG C 54 -26.15 -17.88 -41.09
C ARG C 54 -26.10 -17.02 -39.83
N GLU C 55 -26.72 -17.48 -38.74
CA GLU C 55 -26.58 -16.82 -37.44
C GLU C 55 -25.12 -16.79 -37.00
N PHE C 56 -24.45 -17.94 -37.07
CA PHE C 56 -23.05 -18.00 -36.67
C PHE C 56 -22.15 -17.28 -37.66
N GLU C 57 -22.56 -17.17 -38.92
CA GLU C 57 -21.78 -16.39 -39.87
C GLU C 57 -21.89 -14.89 -39.61
N VAL C 58 -23.06 -14.42 -39.19
CA VAL C 58 -23.20 -13.02 -38.81
C VAL C 58 -22.42 -12.73 -37.52
N LEU C 59 -22.51 -13.63 -36.54
CA LEU C 59 -21.73 -13.46 -35.31
C LEU C 59 -20.23 -13.63 -35.50
N LYS C 60 -19.79 -14.25 -36.60
CA LYS C 60 -18.36 -14.44 -36.83
C LYS C 60 -17.68 -13.12 -37.16
N LYS C 61 -18.39 -12.19 -37.78
CA LYS C 61 -17.76 -10.96 -38.29
C LYS C 61 -17.58 -9.89 -37.22
N LEU C 62 -18.09 -10.09 -36.01
CA LEU C 62 -17.94 -9.11 -34.96
C LEU C 62 -16.50 -9.05 -34.48
N ASN C 63 -16.10 -7.88 -34.00
CA ASN C 63 -14.77 -7.71 -33.42
C ASN C 63 -14.88 -6.56 -32.44
N HIS C 64 -14.81 -6.87 -31.15
CA HIS C 64 -14.92 -5.87 -30.11
C HIS C 64 -14.26 -6.47 -28.90
N LYS C 65 -13.85 -5.62 -27.96
CA LYS C 65 -13.15 -6.12 -26.79
C LYS C 65 -14.10 -6.55 -25.68
N ASN C 66 -15.41 -6.55 -25.92
CA ASN C 66 -16.39 -7.07 -24.97
C ASN C 66 -17.26 -8.13 -25.61
N ILE C 67 -16.80 -8.77 -26.67
CA ILE C 67 -17.52 -9.86 -27.31
C ILE C 67 -16.55 -11.04 -27.39
N VAL C 68 -17.00 -12.22 -26.98
CA VAL C 68 -16.18 -13.40 -27.10
C VAL C 68 -16.07 -13.81 -28.56
N LYS C 69 -14.85 -13.95 -29.06
CA LYS C 69 -14.62 -14.17 -30.48
C LYS C 69 -14.98 -15.60 -30.87
N LEU C 70 -15.70 -15.72 -31.98
CA LEU C 70 -16.00 -17.00 -32.59
C LEU C 70 -15.05 -17.17 -33.77
N PHE C 71 -14.12 -18.13 -33.67
CA PHE C 71 -13.10 -18.25 -34.70
C PHE C 71 -13.61 -18.97 -35.93
N ALA C 72 -14.05 -20.21 -35.79
CA ALA C 72 -14.51 -20.96 -36.95
C ALA C 72 -15.50 -22.03 -36.50
N ILE C 73 -16.35 -22.44 -37.44
CA ILE C 73 -17.32 -23.51 -37.22
C ILE C 73 -16.92 -24.70 -38.09
N GLU C 74 -16.73 -25.85 -37.46
CA GLU C 74 -16.15 -27.01 -38.12
C GLU C 74 -16.97 -28.26 -37.87
N GLU C 75 -16.43 -29.42 -38.21
CA GLU C 75 -17.20 -30.66 -38.16
C GLU C 75 -16.37 -31.76 -37.51
N GLU C 76 -17.00 -32.48 -36.59
CA GLU C 76 -16.41 -33.65 -35.95
C GLU C 76 -16.05 -34.71 -36.99
N THR C 77 -14.96 -35.46 -36.74
CA THR C 77 -14.51 -36.43 -37.71
C THR C 77 -15.16 -37.80 -37.56
N THR C 78 -15.46 -38.24 -36.33
CA THR C 78 -16.11 -39.53 -36.15
C THR C 78 -17.58 -39.45 -36.53
N THR C 79 -18.33 -38.63 -35.83
CA THR C 79 -19.74 -38.40 -36.13
C THR C 79 -19.81 -37.09 -36.90
N ARG C 80 -20.91 -36.89 -37.63
CA ARG C 80 -21.02 -35.69 -38.44
C ARG C 80 -21.68 -34.53 -37.69
N HIS C 81 -21.19 -34.22 -36.48
CA HIS C 81 -21.80 -33.15 -35.71
C HIS C 81 -21.16 -31.81 -36.03
N LYS C 82 -21.66 -30.76 -35.39
CA LYS C 82 -21.12 -29.43 -35.53
C LYS C 82 -20.40 -29.01 -34.26
N VAL C 83 -19.32 -28.25 -34.42
CA VAL C 83 -18.57 -27.67 -33.31
C VAL C 83 -18.41 -26.18 -33.56
N LEU C 84 -18.26 -25.44 -32.47
CA LEU C 84 -17.90 -24.03 -32.52
C LEU C 84 -16.60 -23.85 -31.76
N ILE C 85 -15.62 -23.23 -32.41
CA ILE C 85 -14.35 -22.94 -31.76
C ILE C 85 -14.36 -21.49 -31.35
N MET C 86 -14.25 -21.23 -30.04
CA MET C 86 -14.28 -19.87 -29.53
C MET C 86 -13.17 -19.72 -28.53
N GLU C 87 -12.90 -18.49 -28.12
CA GLU C 87 -11.72 -18.25 -27.31
C GLU C 87 -11.95 -18.72 -25.89
N PHE C 88 -10.88 -19.12 -25.24
CA PHE C 88 -10.94 -19.77 -23.94
C PHE C 88 -10.79 -18.72 -22.87
N CYS C 89 -11.84 -18.52 -22.08
CA CYS C 89 -11.83 -17.62 -20.94
C CYS C 89 -11.61 -18.44 -19.69
N PRO C 90 -10.41 -18.45 -19.11
CA PRO C 90 -10.09 -19.44 -18.07
C PRO C 90 -10.71 -19.15 -16.72
N CYS C 91 -11.11 -17.92 -16.46
CA CYS C 91 -11.48 -17.49 -15.12
C CYS C 91 -12.95 -17.66 -14.82
N GLY C 92 -13.71 -18.29 -15.70
CA GLY C 92 -15.10 -18.56 -15.44
C GLY C 92 -15.98 -17.34 -15.63
N SER C 93 -17.26 -17.52 -15.36
CA SER C 93 -18.27 -16.51 -15.63
C SER C 93 -18.44 -15.62 -14.40
N LEU C 94 -19.50 -14.81 -14.38
CA LEU C 94 -19.72 -13.94 -13.24
C LEU C 94 -20.32 -14.70 -12.06
N TYR C 95 -20.92 -15.88 -12.30
CA TYR C 95 -21.32 -16.75 -11.20
C TYR C 95 -20.13 -17.14 -10.34
N THR C 96 -19.01 -17.50 -10.96
CA THR C 96 -17.82 -17.87 -10.21
C THR C 96 -17.23 -16.67 -9.48
N VAL C 97 -17.45 -15.46 -9.98
CA VAL C 97 -17.02 -14.28 -9.25
C VAL C 97 -17.92 -14.02 -8.04
N LEU C 98 -19.21 -14.23 -8.19
CA LEU C 98 -20.13 -13.92 -7.10
C LEU C 98 -20.30 -15.07 -6.12
N GLU C 99 -19.70 -16.24 -6.37
CA GLU C 99 -19.73 -17.30 -5.37
C GLU C 99 -18.53 -17.29 -4.44
N GLU C 100 -17.60 -16.36 -4.61
CA GLU C 100 -16.49 -16.28 -3.70
C GLU C 100 -16.97 -15.70 -2.37
N PRO C 101 -16.42 -16.17 -1.26
CA PRO C 101 -16.92 -15.71 0.03
C PRO C 101 -16.55 -14.28 0.35
N SER C 102 -15.55 -13.71 -0.30
CA SER C 102 -15.26 -12.30 -0.10
C SER C 102 -16.26 -11.42 -0.83
N ASN C 103 -16.95 -11.96 -1.82
CA ASN C 103 -17.97 -11.24 -2.56
C ASN C 103 -19.37 -11.63 -2.12
N ALA C 104 -19.52 -12.13 -0.89
CA ALA C 104 -20.83 -12.53 -0.41
C ALA C 104 -21.72 -11.35 -0.05
N TYR C 105 -21.14 -10.17 0.12
CA TYR C 105 -21.89 -8.95 0.36
C TYR C 105 -21.55 -7.91 -0.68
N GLY C 106 -21.43 -8.33 -1.92
CA GLY C 106 -21.25 -7.38 -2.99
C GLY C 106 -19.80 -7.19 -3.37
N LEU C 107 -19.57 -6.91 -4.64
CA LEU C 107 -18.25 -6.67 -5.17
C LEU C 107 -17.66 -5.38 -4.61
N PRO C 108 -16.34 -5.23 -4.63
CA PRO C 108 -15.75 -3.92 -4.35
C PRO C 108 -16.12 -2.93 -5.43
N GLU C 109 -15.94 -1.65 -5.11
CA GLU C 109 -16.48 -0.59 -5.96
C GLU C 109 -15.74 -0.46 -7.29
N SER C 110 -14.44 -0.71 -7.30
CA SER C 110 -13.67 -0.63 -8.55
C SER C 110 -14.05 -1.76 -9.50
N GLU C 111 -14.18 -2.96 -8.96
CA GLU C 111 -14.60 -4.10 -9.77
C GLU C 111 -16.03 -3.96 -10.24
N PHE C 112 -16.89 -3.34 -9.42
CA PHE C 112 -18.26 -3.08 -9.84
C PHE C 112 -18.31 -2.11 -11.00
N LEU C 113 -17.48 -1.06 -10.97
CA LEU C 113 -17.48 -0.11 -12.09
C LEU C 113 -16.91 -0.74 -13.36
N ILE C 114 -15.96 -1.67 -13.23
CA ILE C 114 -15.48 -2.39 -14.40
C ILE C 114 -16.58 -3.25 -15.02
N VAL C 115 -17.35 -3.95 -14.18
CA VAL C 115 -18.46 -4.77 -14.67
C VAL C 115 -19.50 -3.91 -15.37
N LEU C 116 -19.85 -2.77 -14.76
CA LEU C 116 -20.84 -1.85 -15.32
C LEU C 116 -20.41 -1.33 -16.69
N ARG C 117 -19.16 -0.88 -16.78
CA ARG C 117 -18.62 -0.34 -18.03
C ARG C 117 -18.61 -1.38 -19.13
N ASP C 118 -18.15 -2.59 -18.83
CA ASP C 118 -18.00 -3.58 -19.89
C ASP C 118 -19.31 -4.16 -20.34
N VAL C 119 -20.28 -4.35 -19.44
CA VAL C 119 -21.58 -4.85 -19.85
C VAL C 119 -22.32 -3.81 -20.70
N VAL C 120 -22.27 -2.53 -20.30
CA VAL C 120 -22.92 -1.50 -21.10
C VAL C 120 -22.24 -1.31 -22.46
N GLY C 121 -20.91 -1.47 -22.52
CA GLY C 121 -20.22 -1.39 -23.80
C GLY C 121 -20.57 -2.53 -24.74
N GLY C 122 -20.69 -3.74 -24.21
CA GLY C 122 -21.12 -4.85 -25.04
C GLY C 122 -22.55 -4.72 -25.52
N MET C 123 -23.44 -4.23 -24.66
CA MET C 123 -24.82 -3.94 -25.05
C MET C 123 -24.89 -2.94 -26.19
N ASN C 124 -24.11 -1.85 -26.09
CA ASN C 124 -24.13 -0.82 -27.12
C ASN C 124 -23.59 -1.34 -28.44
N HIS C 125 -22.49 -2.10 -28.40
CA HIS C 125 -21.94 -2.56 -29.68
C HIS C 125 -22.81 -3.63 -30.32
N LEU C 126 -23.56 -4.40 -29.53
CA LEU C 126 -24.48 -5.33 -30.17
C LEU C 126 -25.69 -4.61 -30.73
N ARG C 127 -26.17 -3.56 -30.07
CA ARG C 127 -27.36 -2.89 -30.56
C ARG C 127 -27.04 -2.01 -31.76
N GLU C 128 -25.84 -1.44 -31.82
CA GLU C 128 -25.48 -0.52 -32.90
C GLU C 128 -25.38 -1.22 -34.24
N ASN C 129 -24.96 -2.48 -34.25
CA ASN C 129 -24.90 -3.22 -35.51
C ASN C 129 -26.24 -3.82 -35.89
N GLY C 130 -27.06 -4.22 -34.93
CA GLY C 130 -28.40 -4.69 -35.25
C GLY C 130 -28.64 -6.14 -34.93
N ILE C 131 -27.89 -6.70 -33.99
CA ILE C 131 -28.05 -8.08 -33.58
C ILE C 131 -29.07 -8.13 -32.46
N VAL C 132 -30.16 -8.88 -32.67
CA VAL C 132 -31.19 -9.07 -31.66
C VAL C 132 -30.75 -10.20 -30.75
N HIS C 133 -30.50 -9.90 -29.49
CA HIS C 133 -29.93 -10.83 -28.56
C HIS C 133 -30.91 -11.10 -27.42
N ARG C 134 -30.49 -11.94 -26.49
CA ARG C 134 -31.33 -12.38 -25.39
C ARG C 134 -31.39 -11.32 -24.29
N ASN C 135 -31.88 -11.71 -23.14
CA ASN C 135 -31.77 -10.90 -21.93
C ASN C 135 -30.57 -11.45 -21.16
N ILE C 136 -29.54 -10.63 -21.01
CA ILE C 136 -28.28 -11.16 -20.48
C ILE C 136 -28.36 -11.28 -18.97
N LYS C 137 -27.76 -12.33 -18.45
CA LYS C 137 -27.82 -12.76 -17.07
C LYS C 137 -26.39 -12.96 -16.63
N PRO C 138 -26.12 -13.21 -15.34
CA PRO C 138 -24.73 -13.41 -14.93
C PRO C 138 -24.04 -14.65 -15.47
N GLY C 139 -24.72 -15.53 -16.18
CA GLY C 139 -24.02 -16.62 -16.82
C GLY C 139 -23.54 -16.30 -18.21
N ASN C 140 -23.97 -15.19 -18.78
CA ASN C 140 -23.59 -14.78 -20.12
C ASN C 140 -22.43 -13.80 -20.11
N ILE C 141 -21.77 -13.61 -18.97
CA ILE C 141 -20.72 -12.61 -18.83
C ILE C 141 -19.47 -13.34 -18.41
N MET C 142 -18.55 -13.56 -19.35
CA MET C 142 -17.30 -14.20 -19.04
C MET C 142 -16.28 -13.18 -18.57
N ARG C 143 -15.25 -13.68 -17.89
CA ARG C 143 -14.22 -12.86 -17.31
C ARG C 143 -12.87 -13.29 -17.86
N VAL C 144 -12.01 -12.32 -18.17
CA VAL C 144 -10.66 -12.64 -18.61
C VAL C 144 -9.72 -11.62 -17.95
N ILE C 145 -8.47 -12.01 -17.76
CA ILE C 145 -7.46 -11.11 -17.22
C ILE C 145 -6.83 -10.37 -18.37
N GLY C 146 -7.01 -9.04 -18.39
CA GLY C 146 -6.45 -8.22 -19.44
C GLY C 146 -4.94 -8.12 -19.36
N GLU C 147 -4.38 -7.38 -20.30
CA GLU C 147 -2.93 -7.29 -20.42
C GLU C 147 -2.29 -6.40 -19.35
N ASP C 148 -3.05 -5.83 -18.44
CA ASP C 148 -2.49 -4.95 -17.42
C ASP C 148 -3.05 -5.23 -16.04
N GLY C 149 -3.45 -6.46 -15.78
CA GLY C 149 -3.90 -6.88 -14.47
C GLY C 149 -5.39 -6.75 -14.24
N GLN C 150 -6.02 -5.74 -14.82
CA GLN C 150 -7.44 -5.52 -14.61
C GLN C 150 -8.27 -6.56 -15.34
N SER C 151 -9.46 -6.82 -14.82
CA SER C 151 -10.34 -7.77 -15.47
C SER C 151 -11.00 -7.13 -16.67
N VAL C 152 -11.40 -7.96 -17.62
CA VAL C 152 -12.16 -7.56 -18.79
C VAL C 152 -13.33 -8.50 -18.90
N TYR C 153 -14.53 -7.96 -18.92
CA TYR C 153 -15.76 -8.76 -18.96
C TYR C 153 -16.29 -8.77 -20.37
N LYS C 154 -16.66 -9.96 -20.84
CA LYS C 154 -17.07 -10.16 -22.21
C LYS C 154 -18.43 -10.82 -22.23
N LEU C 155 -19.14 -10.67 -23.33
CA LEU C 155 -20.48 -11.22 -23.45
C LEU C 155 -20.46 -12.43 -24.38
N THR C 156 -21.14 -13.49 -23.98
CA THR C 156 -21.21 -14.68 -24.79
C THR C 156 -22.61 -15.27 -24.70
N ASP C 157 -22.90 -16.18 -25.61
CA ASP C 157 -24.17 -16.91 -25.71
C ASP C 157 -25.35 -15.95 -25.79
N PHE C 158 -25.25 -15.00 -26.70
CA PHE C 158 -26.35 -14.13 -27.04
C PHE C 158 -26.94 -14.57 -28.37
N GLY C 159 -28.26 -14.60 -28.45
CA GLY C 159 -28.95 -15.04 -29.64
C GLY C 159 -29.79 -16.27 -29.40
N GLY C 175 -29.88 -19.69 -10.68
CA GLY C 175 -31.00 -20.56 -10.98
C GLY C 175 -31.69 -20.22 -12.29
N THR C 176 -31.16 -19.19 -12.95
CA THR C 176 -31.41 -18.69 -14.31
C THR C 176 -32.86 -18.27 -14.60
N GLU C 177 -33.74 -18.33 -13.62
CA GLU C 177 -35.14 -17.96 -13.80
C GLU C 177 -35.61 -16.91 -12.82
N GLU C 178 -34.74 -16.48 -11.90
CA GLU C 178 -35.06 -15.34 -11.07
C GLU C 178 -34.75 -14.01 -11.75
N TYR C 179 -34.01 -14.05 -12.86
CA TYR C 179 -33.54 -12.86 -13.53
C TYR C 179 -34.49 -12.37 -14.60
N LEU C 180 -35.65 -12.98 -14.73
CA LEU C 180 -36.56 -12.64 -15.81
C LEU C 180 -37.72 -11.80 -15.30
N HIS C 181 -38.33 -11.09 -16.23
CA HIS C 181 -39.49 -10.27 -15.92
C HIS C 181 -40.65 -11.21 -15.60
N PRO C 182 -41.46 -10.89 -14.59
CA PRO C 182 -42.40 -11.88 -14.04
C PRO C 182 -43.68 -12.08 -14.84
N ASP C 183 -43.73 -11.66 -16.10
CA ASP C 183 -44.92 -11.86 -16.93
C ASP C 183 -45.11 -13.32 -17.30
N ALA C 200 -38.11 -6.37 -30.66
CA ALA C 200 -36.91 -5.61 -31.00
C ALA C 200 -36.47 -4.72 -29.85
N THR C 201 -37.43 -4.37 -28.99
CA THR C 201 -37.15 -3.49 -27.87
C THR C 201 -36.35 -4.22 -26.80
N VAL C 202 -35.25 -3.60 -26.38
CA VAL C 202 -34.40 -4.21 -25.36
C VAL C 202 -35.09 -4.07 -24.01
N ASP C 203 -35.31 -5.19 -23.35
CA ASP C 203 -35.78 -5.19 -21.97
C ASP C 203 -34.59 -5.09 -21.04
N LEU C 204 -34.78 -4.42 -19.92
CA LEU C 204 -33.66 -4.15 -19.03
C LEU C 204 -33.90 -4.64 -17.61
N TRP C 205 -34.78 -5.61 -17.42
CA TRP C 205 -35.00 -6.14 -16.08
C TRP C 205 -33.82 -6.99 -15.63
N SER C 206 -33.31 -7.82 -16.53
CA SER C 206 -32.23 -8.74 -16.17
C SER C 206 -30.93 -8.02 -15.91
N ILE C 207 -30.67 -6.92 -16.63
CA ILE C 207 -29.51 -6.10 -16.34
C ILE C 207 -29.63 -5.43 -14.98
N GLY C 208 -30.84 -5.02 -14.60
CA GLY C 208 -31.03 -4.43 -13.30
C GLY C 208 -30.86 -5.41 -12.17
N VAL C 209 -31.37 -6.63 -12.34
CA VAL C 209 -31.22 -7.63 -11.29
C VAL C 209 -29.77 -8.11 -11.22
N THR C 210 -29.08 -8.16 -12.35
CA THR C 210 -27.65 -8.45 -12.38
C THR C 210 -26.84 -7.42 -11.63
N PHE C 211 -27.15 -6.14 -11.81
CA PHE C 211 -26.38 -5.11 -11.13
C PHE C 211 -26.73 -5.00 -9.66
N TYR C 212 -27.97 -5.27 -9.27
CA TYR C 212 -28.28 -5.30 -7.84
C TYR C 212 -27.61 -6.48 -7.17
N HIS C 213 -27.56 -7.62 -7.85
CA HIS C 213 -26.88 -8.80 -7.33
C HIS C 213 -25.38 -8.59 -7.26
N ALA C 214 -24.82 -7.84 -8.19
CA ALA C 214 -23.39 -7.55 -8.11
C ALA C 214 -23.08 -6.53 -7.03
N ALA C 215 -23.99 -5.60 -6.78
CA ALA C 215 -23.72 -4.57 -5.80
C ALA C 215 -23.90 -5.06 -4.37
N THR C 216 -24.93 -5.88 -4.11
CA THR C 216 -25.22 -6.29 -2.75
C THR C 216 -24.96 -7.76 -2.45
N GLY C 217 -24.98 -8.62 -3.44
CA GLY C 217 -24.76 -10.04 -3.20
C GLY C 217 -26.02 -10.86 -3.07
N SER C 218 -27.18 -10.24 -3.09
CA SER C 218 -28.44 -10.95 -2.98
C SER C 218 -29.40 -10.43 -4.04
N LEU C 219 -30.37 -11.26 -4.38
CA LEU C 219 -31.40 -10.86 -5.32
C LEU C 219 -32.31 -9.81 -4.70
N PRO C 220 -32.86 -8.90 -5.50
CA PRO C 220 -33.65 -7.82 -4.91
C PRO C 220 -34.99 -8.27 -4.36
N PHE C 221 -35.72 -9.13 -5.07
CA PHE C 221 -37.06 -9.52 -4.66
C PHE C 221 -37.03 -10.98 -4.26
N ARG C 222 -37.20 -11.25 -2.97
CA ARG C 222 -37.12 -12.60 -2.45
C ARG C 222 -38.38 -13.01 -1.73
N PRO C 223 -39.15 -13.97 -2.24
CA PRO C 223 -40.20 -14.58 -1.44
C PRO C 223 -39.60 -15.47 -0.37
N PHE C 224 -40.42 -15.85 0.59
CA PHE C 224 -39.97 -16.70 1.67
C PHE C 224 -39.98 -18.16 1.23
N GLU C 225 -38.90 -18.87 1.56
CA GLU C 225 -38.58 -20.21 1.05
C GLU C 225 -38.61 -20.29 -0.47
N LYS C 231 -43.75 -19.39 -8.80
CA LYS C 231 -43.94 -18.60 -10.00
C LYS C 231 -45.27 -17.86 -9.99
N GLU C 232 -45.82 -17.68 -8.80
CA GLU C 232 -47.02 -16.90 -8.61
C GLU C 232 -46.79 -15.89 -7.48
N VAL C 233 -45.94 -16.27 -6.52
CA VAL C 233 -45.61 -15.38 -5.42
C VAL C 233 -44.72 -14.26 -5.93
N MET C 234 -43.90 -14.57 -6.92
CA MET C 234 -43.04 -13.57 -7.56
C MET C 234 -43.88 -12.51 -8.24
N TYR C 235 -44.93 -12.94 -8.94
CA TYR C 235 -45.82 -12.00 -9.61
C TYR C 235 -46.62 -11.17 -8.60
N LYS C 236 -47.07 -11.79 -7.50
CA LYS C 236 -47.83 -11.05 -6.51
C LYS C 236 -46.97 -10.05 -5.74
N ILE C 237 -45.68 -10.33 -5.58
CA ILE C 237 -44.79 -9.35 -4.96
C ILE C 237 -44.52 -8.20 -5.92
N ILE C 238 -44.06 -8.50 -7.14
CA ILE C 238 -43.60 -7.45 -8.05
C ILE C 238 -44.77 -6.61 -8.58
N THR C 239 -45.97 -7.19 -8.63
CA THR C 239 -47.14 -6.44 -9.12
C THR C 239 -47.56 -5.34 -8.16
N GLY C 240 -47.59 -5.63 -6.86
CA GLY C 240 -47.96 -4.63 -5.89
C GLY C 240 -46.78 -3.85 -5.34
N LYS C 241 -45.81 -3.58 -6.19
CA LYS C 241 -44.61 -2.85 -5.78
C LYS C 241 -44.86 -1.35 -5.92
N PRO C 242 -44.50 -0.55 -4.91
CA PRO C 242 -44.66 0.91 -5.05
C PRO C 242 -43.65 1.51 -6.01
N SER C 243 -43.75 2.81 -6.24
CA SER C 243 -42.81 3.48 -7.12
C SER C 243 -41.51 3.75 -6.39
N GLY C 244 -40.40 3.61 -7.10
CA GLY C 244 -39.09 3.88 -6.56
C GLY C 244 -38.48 2.76 -5.77
N ALA C 245 -39.24 1.73 -5.40
CA ALA C 245 -38.69 0.65 -4.60
C ALA C 245 -37.85 -0.26 -5.47
N ILE C 246 -36.67 -0.62 -4.97
CA ILE C 246 -35.76 -1.51 -5.70
C ILE C 246 -35.60 -2.85 -5.03
N SER C 247 -36.18 -3.06 -3.85
CA SER C 247 -36.15 -4.38 -3.25
C SER C 247 -37.35 -4.56 -2.34
N GLY C 248 -37.73 -5.80 -2.15
CA GLY C 248 -38.79 -6.16 -1.24
C GLY C 248 -38.51 -7.50 -0.61
N VAL C 249 -38.48 -7.55 0.72
CA VAL C 249 -38.14 -8.76 1.45
C VAL C 249 -39.37 -9.25 2.18
N GLN C 250 -39.68 -10.53 2.03
CA GLN C 250 -40.76 -11.19 2.76
C GLN C 250 -40.12 -12.20 3.71
N LYS C 251 -40.35 -12.03 5.01
CA LYS C 251 -39.70 -12.84 6.02
C LYS C 251 -40.62 -13.88 6.66
N ALA C 252 -41.91 -13.84 6.37
CA ALA C 252 -42.88 -14.77 6.94
C ALA C 252 -43.62 -15.48 5.82
N GLU C 253 -44.51 -16.39 6.20
CA GLU C 253 -45.39 -17.02 5.24
C GLU C 253 -46.58 -16.12 4.98
N ASN C 254 -46.69 -15.65 3.74
CA ASN C 254 -47.81 -14.85 3.22
C ASN C 254 -47.99 -13.52 3.96
N GLY C 255 -46.94 -13.02 4.60
CA GLY C 255 -47.04 -11.75 5.29
C GLY C 255 -46.90 -10.59 4.33
N PRO C 256 -46.87 -9.39 4.90
CA PRO C 256 -46.59 -8.21 4.08
C PRO C 256 -45.13 -8.17 3.69
N ILE C 257 -44.84 -7.37 2.67
CA ILE C 257 -43.51 -7.29 2.10
C ILE C 257 -42.87 -5.98 2.53
N ASP C 258 -41.68 -6.06 3.12
CA ASP C 258 -40.92 -4.87 3.48
C ASP C 258 -40.29 -4.30 2.23
N TRP C 259 -40.76 -3.13 1.79
CA TRP C 259 -40.24 -2.48 0.60
C TRP C 259 -39.13 -1.52 0.99
N SER C 260 -38.12 -1.42 0.14
CA SER C 260 -36.97 -0.58 0.42
C SER C 260 -36.63 0.26 -0.79
N GLY C 261 -36.00 1.40 -0.55
CA GLY C 261 -35.66 2.29 -1.63
C GLY C 261 -34.19 2.64 -1.64
N ASP C 262 -33.45 2.01 -0.74
CA ASP C 262 -32.02 2.23 -0.62
C ASP C 262 -31.30 0.90 -0.75
N MET C 263 -30.01 1.00 -1.08
CA MET C 263 -29.11 -0.12 -0.91
C MET C 263 -29.02 -0.47 0.58
N PRO C 264 -28.79 -1.74 0.92
CA PRO C 264 -28.69 -2.11 2.34
C PRO C 264 -27.43 -1.56 2.99
N VAL C 265 -27.37 -1.70 4.31
CA VAL C 265 -26.31 -1.08 5.08
C VAL C 265 -24.99 -1.83 4.88
N SER C 266 -25.07 -3.11 4.55
CA SER C 266 -23.90 -3.92 4.26
C SER C 266 -23.52 -3.89 2.79
N CYS C 267 -23.87 -2.83 2.08
CA CYS C 267 -23.44 -2.64 0.70
C CYS C 267 -22.13 -1.87 0.70
N SER C 268 -21.11 -2.43 0.05
CA SER C 268 -19.77 -1.87 0.11
C SER C 268 -19.58 -0.63 -0.75
N LEU C 269 -20.56 -0.27 -1.57
CA LEU C 269 -20.42 0.89 -2.44
C LEU C 269 -20.55 2.17 -1.65
N SER C 270 -19.72 3.15 -1.99
CA SER C 270 -19.68 4.42 -1.28
C SER C 270 -20.98 5.19 -1.50
N ARG C 271 -21.19 6.19 -0.64
CA ARG C 271 -22.44 6.94 -0.68
C ARG C 271 -22.53 7.80 -1.92
N GLY C 272 -21.40 8.35 -2.37
CA GLY C 272 -21.38 9.17 -3.57
C GLY C 272 -21.71 8.40 -4.83
N LEU C 273 -21.51 7.09 -4.83
CA LEU C 273 -21.92 6.26 -5.94
C LEU C 273 -23.34 5.76 -5.80
N GLN C 274 -23.79 5.48 -4.57
CA GLN C 274 -25.16 5.03 -4.37
C GLN C 274 -26.16 6.11 -4.75
N VAL C 275 -25.83 7.38 -4.51
CA VAL C 275 -26.71 8.47 -4.92
C VAL C 275 -26.82 8.55 -6.44
N LEU C 276 -25.76 8.23 -7.17
CA LEU C 276 -25.82 8.23 -8.62
C LEU C 276 -26.43 6.96 -9.19
N LEU C 277 -26.39 5.87 -8.44
CA LEU C 277 -26.78 4.57 -8.98
C LEU C 277 -28.21 4.17 -8.63
N THR C 278 -28.75 4.65 -7.51
CA THR C 278 -30.11 4.32 -7.11
C THR C 278 -31.21 4.84 -8.04
N PRO C 279 -31.13 6.04 -8.67
CA PRO C 279 -32.17 6.37 -9.66
C PRO C 279 -32.17 5.51 -10.92
N VAL C 280 -31.00 5.02 -11.35
CA VAL C 280 -30.95 4.14 -12.52
C VAL C 280 -31.67 2.83 -12.24
N LEU C 281 -31.34 2.19 -11.13
CA LEU C 281 -32.01 0.96 -10.76
C LEU C 281 -33.45 1.19 -10.35
N ALA C 282 -33.81 2.39 -9.91
CA ALA C 282 -35.20 2.65 -9.63
C ALA C 282 -36.01 2.86 -10.90
N ASN C 283 -35.37 3.26 -11.99
CA ASN C 283 -36.09 3.49 -13.23
C ASN C 283 -35.98 2.37 -14.24
N ILE C 284 -35.18 1.34 -14.00
CA ILE C 284 -35.22 0.16 -14.87
C ILE C 284 -35.81 -1.06 -14.20
N LEU C 285 -35.96 -1.07 -12.88
CA LEU C 285 -36.72 -2.11 -12.19
C LEU C 285 -38.17 -1.71 -11.98
N GLU C 286 -38.72 -0.90 -12.87
CA GLU C 286 -40.08 -0.42 -12.73
C GLU C 286 -41.04 -1.54 -13.10
N ALA C 287 -42.15 -1.64 -12.35
CA ALA C 287 -43.07 -2.75 -12.53
C ALA C 287 -43.90 -2.65 -13.79
N ASP C 288 -44.03 -1.46 -14.37
CA ASP C 288 -44.84 -1.25 -15.57
C ASP C 288 -43.91 -0.91 -16.73
N GLN C 289 -44.02 -1.66 -17.82
CA GLN C 289 -43.09 -1.53 -18.93
C GLN C 289 -43.25 -0.24 -19.72
N GLU C 290 -44.35 0.50 -19.51
CA GLU C 290 -44.52 1.77 -20.19
C GLU C 290 -43.57 2.82 -19.64
N LYS C 291 -43.26 2.75 -18.35
CA LYS C 291 -42.55 3.80 -17.65
C LYS C 291 -41.06 3.55 -17.53
N CYS C 292 -40.54 2.46 -18.10
CA CYS C 292 -39.11 2.19 -18.04
C CYS C 292 -38.37 3.09 -19.04
N TRP C 293 -37.05 2.98 -19.04
CA TRP C 293 -36.26 3.95 -19.80
C TRP C 293 -36.10 3.57 -21.27
N GLY C 294 -35.94 2.30 -21.57
CA GLY C 294 -35.42 1.98 -22.88
C GLY C 294 -33.91 2.12 -22.86
N PHE C 295 -33.29 2.07 -24.03
CA PHE C 295 -31.85 1.91 -23.99
C PHE C 295 -31.08 3.21 -24.14
N ASP C 296 -31.60 4.22 -24.82
CA ASP C 296 -30.79 5.42 -25.06
C ASP C 296 -30.65 6.27 -23.81
N GLN C 297 -31.73 6.42 -23.05
CA GLN C 297 -31.67 7.16 -21.80
C GLN C 297 -30.82 6.42 -20.77
N PHE C 298 -30.89 5.09 -20.77
CA PHE C 298 -30.06 4.27 -19.90
C PHE C 298 -28.60 4.40 -20.24
N PHE C 299 -28.27 4.41 -21.54
CA PHE C 299 -26.88 4.54 -21.94
C PHE C 299 -26.33 5.91 -21.59
N ALA C 300 -27.15 6.96 -21.78
CA ALA C 300 -26.69 8.30 -21.45
C ALA C 300 -26.48 8.48 -19.95
N GLU C 301 -27.34 7.90 -19.13
CA GLU C 301 -27.18 8.08 -17.68
C GLU C 301 -26.04 7.24 -17.13
N THR C 302 -25.82 6.02 -17.63
CA THR C 302 -24.67 5.26 -17.17
C THR C 302 -23.36 5.83 -17.71
N SER C 303 -23.37 6.47 -18.88
CA SER C 303 -22.16 7.15 -19.32
C SER C 303 -21.90 8.40 -18.53
N ASP C 304 -22.95 9.03 -18.00
CA ASP C 304 -22.73 10.13 -17.07
C ASP C 304 -22.16 9.64 -15.74
N ILE C 305 -22.48 8.42 -15.33
CA ILE C 305 -21.83 7.85 -14.15
C ILE C 305 -20.37 7.49 -14.44
N LEU C 306 -20.12 6.88 -15.59
CA LEU C 306 -18.80 6.28 -15.86
C LEU C 306 -17.71 7.28 -16.21
N HIS C 307 -18.05 8.49 -16.64
CA HIS C 307 -17.02 9.45 -17.02
C HIS C 307 -16.59 10.36 -15.88
N ARG C 308 -16.97 10.05 -14.65
CA ARG C 308 -16.60 10.86 -13.51
C ARG C 308 -15.23 10.45 -13.01
N MET C 309 -14.49 11.42 -12.46
CA MET C 309 -13.33 11.12 -11.64
C MET C 309 -13.71 11.20 -10.18
N VAL C 310 -12.85 10.64 -9.34
CA VAL C 310 -13.13 10.49 -7.91
C VAL C 310 -12.15 11.36 -7.16
N ILE C 311 -12.64 12.10 -6.17
CA ILE C 311 -11.81 12.87 -5.25
C ILE C 311 -12.14 12.42 -3.84
N HIS C 312 -11.12 12.03 -3.09
CA HIS C 312 -11.33 11.46 -1.76
C HIS C 312 -11.25 12.56 -0.71
N VAL C 313 -12.29 12.69 0.10
CA VAL C 313 -12.41 13.75 1.08
C VAL C 313 -12.74 13.14 2.43
N PHE C 314 -11.95 13.43 3.45
CA PHE C 314 -12.17 12.87 4.78
C PHE C 314 -12.64 13.98 5.71
N SER C 315 -13.92 13.97 6.06
CA SER C 315 -14.44 14.93 7.02
C SER C 315 -13.94 14.59 8.40
N LEU C 316 -13.24 15.55 9.01
CA LEU C 316 -12.50 15.34 10.25
C LEU C 316 -13.37 15.53 11.49
N GLN C 317 -14.29 16.48 11.48
CA GLN C 317 -15.16 16.65 12.64
C GLN C 317 -16.23 15.58 12.73
N GLN C 318 -16.54 14.90 11.64
CA GLN C 318 -17.49 13.81 11.66
C GLN C 318 -16.84 12.45 11.61
N MET C 319 -15.55 12.39 11.29
CA MET C 319 -14.77 11.17 11.15
C MET C 319 -15.40 10.24 10.11
N THR C 320 -15.61 10.78 8.90
CA THR C 320 -16.21 9.99 7.83
C THR C 320 -15.51 10.28 6.52
N ALA C 321 -15.20 9.25 5.76
CA ALA C 321 -14.60 9.41 4.45
C ALA C 321 -15.67 9.42 3.38
N HIS C 322 -15.41 10.17 2.32
CA HIS C 322 -16.36 10.41 1.25
C HIS C 322 -15.63 10.33 -0.07
N LYS C 323 -16.35 9.92 -1.11
CA LYS C 323 -15.83 9.90 -2.47
C LYS C 323 -16.69 10.81 -3.31
N ILE C 324 -16.19 11.99 -3.63
CA ILE C 324 -16.93 12.94 -4.46
C ILE C 324 -16.66 12.59 -5.91
N TYR C 325 -17.71 12.34 -6.68
CA TYR C 325 -17.58 12.06 -8.11
C TYR C 325 -17.85 13.35 -8.87
N ILE C 326 -16.88 13.78 -9.67
CA ILE C 326 -16.96 15.07 -10.35
C ILE C 326 -16.43 14.88 -11.77
N HIS C 327 -16.97 15.65 -12.71
CA HIS C 327 -16.45 15.57 -14.08
C HIS C 327 -15.09 16.26 -14.16
N SER C 328 -14.38 15.96 -15.24
CA SER C 328 -13.04 16.50 -15.40
C SER C 328 -13.03 17.98 -15.76
N TYR C 329 -14.17 18.55 -16.10
CA TYR C 329 -14.23 19.94 -16.54
C TYR C 329 -15.10 20.81 -15.64
N ASN C 330 -15.43 20.36 -14.44
CA ASN C 330 -16.19 21.20 -13.52
C ASN C 330 -15.26 22.08 -12.70
N THR C 331 -15.79 23.22 -12.28
CA THR C 331 -15.04 24.18 -11.51
C THR C 331 -15.03 23.79 -10.04
N ALA C 332 -14.45 24.65 -9.21
CA ALA C 332 -14.40 24.39 -7.79
C ALA C 332 -15.73 24.68 -7.10
N THR C 333 -16.61 25.46 -7.74
CA THR C 333 -17.91 25.76 -7.15
C THR C 333 -18.77 24.51 -7.06
N ILE C 334 -18.73 23.68 -8.09
CA ILE C 334 -19.46 22.42 -8.08
C ILE C 334 -18.82 21.44 -7.11
N PHE C 335 -17.50 21.54 -6.90
CA PHE C 335 -16.87 20.71 -5.89
C PHE C 335 -17.33 21.09 -4.48
N HIS C 336 -17.46 22.37 -4.19
CA HIS C 336 -17.97 22.77 -2.89
C HIS C 336 -19.43 22.39 -2.70
N GLU C 337 -20.22 22.43 -3.77
CA GLU C 337 -21.60 22.00 -3.65
C GLU C 337 -21.71 20.50 -3.42
N LEU C 338 -20.83 19.71 -4.06
CA LEU C 338 -20.84 18.27 -3.83
C LEU C 338 -20.33 17.90 -2.44
N VAL C 339 -19.40 18.67 -1.87
CA VAL C 339 -19.01 18.42 -0.49
C VAL C 339 -20.13 18.82 0.47
N TYR C 340 -20.89 19.86 0.13
CA TYR C 340 -22.04 20.24 0.96
C TYR C 340 -23.12 19.18 0.97
N LYS C 341 -23.36 18.52 -0.16
CA LYS C 341 -24.43 17.54 -0.19
C LYS C 341 -24.17 16.30 0.66
N GLN C 342 -22.93 16.05 1.04
CA GLN C 342 -22.61 14.86 1.81
C GLN C 342 -22.14 15.14 3.23
N THR C 343 -21.45 16.25 3.47
CA THR C 343 -20.96 16.54 4.81
C THR C 343 -21.78 17.60 5.53
N LYS C 344 -22.78 18.18 4.87
CA LYS C 344 -23.68 19.21 5.42
C LYS C 344 -22.92 20.43 5.92
N ILE C 345 -21.87 20.82 5.20
CA ILE C 345 -21.08 22.00 5.54
C ILE C 345 -21.27 23.03 4.44
N ILE C 346 -21.72 24.23 4.83
CA ILE C 346 -22.00 25.29 3.87
C ILE C 346 -20.69 25.73 3.22
N SER C 347 -20.77 26.14 1.95
CA SER C 347 -19.61 26.43 1.10
C SER C 347 -18.70 27.53 1.65
N SER C 348 -19.22 28.41 2.51
CA SER C 348 -18.42 29.47 3.11
C SER C 348 -17.78 29.04 4.42
N ASN C 349 -17.77 27.75 4.74
CA ASN C 349 -17.16 27.25 5.96
C ASN C 349 -16.21 26.10 5.75
N GLN C 350 -16.14 25.56 4.54
CA GLN C 350 -15.27 24.42 4.25
C GLN C 350 -13.83 24.90 4.19
N GLU C 351 -13.01 24.45 5.13
CA GLU C 351 -11.58 24.74 5.11
C GLU C 351 -10.85 23.47 4.76
N LEU C 352 -10.09 23.51 3.67
CA LEU C 352 -9.47 22.33 3.08
C LEU C 352 -8.01 22.26 3.48
N ILE C 353 -7.53 21.06 3.78
CA ILE C 353 -6.14 20.82 4.14
C ILE C 353 -5.64 19.68 3.27
N TYR C 354 -4.47 19.86 2.67
CA TYR C 354 -3.89 18.84 1.80
C TYR C 354 -2.39 18.84 2.01
N GLU C 355 -1.86 17.80 2.66
CA GLU C 355 -0.43 17.57 2.88
C GLU C 355 0.22 18.74 3.61
N GLY C 356 -0.19 18.95 4.85
CA GLY C 356 0.42 20.04 5.58
C GLY C 356 -0.37 21.31 5.42
N ARG C 357 0.01 22.14 4.44
CA ARG C 357 -0.54 23.47 4.29
C ARG C 357 -2.03 23.44 3.91
N ARG C 358 -2.62 24.61 3.82
CA ARG C 358 -4.02 24.74 3.46
C ARG C 358 -4.20 24.54 1.96
N LEU C 359 -5.40 24.75 1.49
CA LEU C 359 -5.71 24.57 0.08
C LEU C 359 -6.77 25.60 -0.26
N VAL C 360 -6.43 26.56 -1.11
CA VAL C 360 -7.35 27.61 -1.47
C VAL C 360 -7.68 27.42 -2.95
N LEU C 361 -8.82 26.80 -3.22
CA LEU C 361 -9.26 26.53 -4.58
C LEU C 361 -9.98 27.77 -5.09
N GLU C 362 -9.38 28.48 -6.03
CA GLU C 362 -10.07 29.59 -6.66
C GLU C 362 -11.22 29.05 -7.52
N PRO C 363 -12.36 29.75 -7.58
CA PRO C 363 -13.57 29.13 -8.15
C PRO C 363 -13.58 28.98 -9.66
N GLY C 364 -12.47 29.28 -10.33
CA GLY C 364 -12.38 29.03 -11.75
C GLY C 364 -11.40 27.94 -12.09
N ARG C 365 -11.09 27.09 -11.12
CA ARG C 365 -10.08 26.06 -11.29
C ARG C 365 -10.78 24.76 -11.66
N LEU C 366 -10.40 24.18 -12.79
CA LEU C 366 -11.06 22.98 -13.28
C LEU C 366 -10.68 21.78 -12.43
N ALA C 367 -11.55 20.78 -12.41
CA ALA C 367 -11.38 19.65 -11.51
C ALA C 367 -10.28 18.69 -11.94
N GLN C 368 -9.74 18.83 -13.15
CA GLN C 368 -8.61 18.02 -13.55
C GLN C 368 -7.29 18.65 -13.14
N HIS C 369 -7.32 19.83 -12.53
CA HIS C 369 -6.13 20.48 -12.00
C HIS C 369 -6.10 20.49 -10.48
N PHE C 370 -6.99 19.72 -9.85
CA PHE C 370 -6.89 19.47 -8.42
C PHE C 370 -5.72 18.53 -8.16
N PRO C 371 -5.20 18.50 -6.93
CA PRO C 371 -4.16 17.53 -6.62
C PRO C 371 -4.70 16.10 -6.56
N LYS C 372 -3.80 15.15 -6.81
CA LYS C 372 -4.17 13.75 -6.88
C LYS C 372 -4.30 13.16 -5.49
N THR C 373 -5.44 12.53 -5.22
CA THR C 373 -5.76 11.98 -3.92
C THR C 373 -6.00 10.47 -4.02
N THR C 374 -5.68 9.76 -2.95
CA THR C 374 -5.99 8.35 -2.81
C THR C 374 -6.86 8.17 -1.56
N GLU C 375 -7.10 6.93 -1.15
CA GLU C 375 -7.84 6.74 0.08
C GLU C 375 -6.99 7.03 1.31
N GLU C 376 -5.68 6.81 1.22
CA GLU C 376 -4.79 7.11 2.33
C GLU C 376 -4.18 8.49 2.23
N ASN C 377 -4.53 9.27 1.22
CA ASN C 377 -4.11 10.67 1.08
C ASN C 377 -5.31 11.50 0.71
N PRO C 378 -6.18 11.83 1.65
CA PRO C 378 -7.38 12.60 1.30
C PRO C 378 -7.19 14.10 1.39
N ILE C 379 -8.28 14.84 1.19
CA ILE C 379 -8.33 16.28 1.41
C ILE C 379 -9.19 16.49 2.65
N PHE C 380 -8.61 16.95 3.74
CA PHE C 380 -9.35 17.06 4.98
C PHE C 380 -10.23 18.32 4.98
N VAL C 381 -11.47 18.17 5.44
CA VAL C 381 -12.42 19.26 5.54
C VAL C 381 -12.67 19.56 7.01
N VAL C 382 -12.35 20.77 7.44
CA VAL C 382 -12.63 21.21 8.79
C VAL C 382 -13.51 22.44 8.69
N SER C 383 -14.49 22.54 9.58
CA SER C 383 -15.34 23.71 9.70
C SER C 383 -15.00 24.47 10.98
N ARG C 384 -15.75 25.54 11.22
CA ARG C 384 -15.63 26.31 12.45
C ARG C 384 -16.81 26.16 13.39
N GLU C 385 -17.93 25.75 12.89
CA GLU C 385 -19.20 25.53 13.55
C GLU C 385 -19.39 24.05 13.83
N PRO C 386 -20.03 23.67 14.93
CA PRO C 386 -19.97 22.27 15.39
C PRO C 386 -20.85 21.33 14.57
N LEU C 387 -20.41 20.07 14.52
CA LEU C 387 -21.12 19.00 13.83
C LEU C 387 -21.30 17.81 14.76
N ASN C 388 -21.74 16.68 14.24
CA ASN C 388 -21.93 15.46 15.01
C ASN C 388 -20.91 14.42 14.59
N THR C 389 -20.14 13.91 15.55
CA THR C 389 -19.13 12.89 15.26
C THR C 389 -19.82 11.55 15.12
N ILE C 390 -19.91 11.06 13.89
CA ILE C 390 -20.67 9.86 13.57
C ILE C 390 -19.80 8.63 13.69
N GLY C 391 -18.76 8.56 12.87
CA GLY C 391 -17.95 7.37 12.77
C GLY C 391 -18.33 6.54 11.56
N LEU C 392 -17.97 5.27 11.62
CA LEU C 392 -18.32 4.33 10.56
C LEU C 392 -19.63 3.63 10.91
N ILE C 393 -20.53 3.58 9.96
CA ILE C 393 -21.82 2.92 10.15
C ILE C 393 -21.78 1.61 9.41
N TYR C 394 -21.77 0.51 10.15
CA TYR C 394 -21.65 -0.82 9.57
C TYR C 394 -22.71 -1.73 10.17
N GLU C 395 -22.94 -2.85 9.52
CA GLU C 395 -23.98 -3.79 9.88
C GLU C 395 -23.44 -4.75 10.93
N LYS C 396 -24.30 -5.16 11.86
CA LYS C 396 -23.94 -6.16 12.85
C LYS C 396 -24.32 -7.54 12.32
N ILE C 397 -23.33 -8.31 11.90
CA ILE C 397 -23.54 -9.65 11.36
C ILE C 397 -23.03 -10.66 12.39
N SER C 398 -23.85 -11.65 12.71
CA SER C 398 -23.50 -12.71 13.64
C SER C 398 -23.33 -14.02 12.90
N LEU C 399 -22.75 -14.99 13.59
CA LEU C 399 -22.53 -16.29 12.98
C LEU C 399 -23.81 -17.12 13.02
N PRO C 400 -24.14 -17.84 11.95
CA PRO C 400 -25.31 -18.70 11.97
C PRO C 400 -25.09 -19.92 12.84
N LYS C 401 -26.20 -20.54 13.24
CA LYS C 401 -26.14 -21.74 14.05
C LYS C 401 -25.71 -22.91 13.19
N VAL C 402 -24.68 -23.62 13.63
CA VAL C 402 -24.22 -24.80 12.89
C VAL C 402 -25.18 -25.95 13.18
N HIS C 403 -25.52 -26.68 12.16
CA HIS C 403 -26.48 -27.76 12.33
C HIS C 403 -25.74 -29.06 12.50
N PRO C 404 -26.09 -29.89 13.49
CA PRO C 404 -25.18 -30.98 13.89
C PRO C 404 -25.25 -32.22 13.02
N ARG C 405 -26.29 -32.40 12.20
CA ARG C 405 -26.42 -33.63 11.43
C ARG C 405 -25.40 -33.71 10.31
N TYR C 406 -25.03 -34.94 9.96
CA TYR C 406 -24.18 -35.20 8.82
C TYR C 406 -25.03 -35.10 7.56
N ASP C 407 -25.09 -33.90 7.02
CA ASP C 407 -25.79 -33.64 5.76
C ASP C 407 -24.76 -33.06 4.80
N LEU C 408 -24.44 -33.81 3.76
CA LEU C 408 -23.28 -33.46 2.95
C LEU C 408 -23.57 -32.35 1.95
N ASP C 409 -24.83 -31.99 1.71
CA ASP C 409 -25.13 -30.79 0.94
C ASP C 409 -25.24 -29.55 1.80
N GLY C 410 -25.70 -29.69 3.05
CA GLY C 410 -25.82 -28.53 3.91
C GLY C 410 -24.51 -28.04 4.45
N ASP C 411 -23.47 -28.88 4.43
CA ASP C 411 -22.18 -28.48 4.93
C ASP C 411 -21.52 -27.44 4.04
N ALA C 412 -21.70 -27.56 2.72
CA ALA C 412 -21.12 -26.58 1.81
C ALA C 412 -21.78 -25.23 1.95
N SER C 413 -23.11 -25.21 2.14
CA SER C 413 -23.83 -23.97 2.36
C SER C 413 -23.45 -23.32 3.68
N MET C 414 -23.32 -24.14 4.74
CA MET C 414 -22.91 -23.62 6.04
C MET C 414 -21.49 -23.05 5.99
N ALA C 415 -20.57 -23.74 5.30
CA ALA C 415 -19.21 -23.25 5.19
C ALA C 415 -19.14 -21.96 4.40
N LYS C 416 -19.94 -21.83 3.33
CA LYS C 416 -19.96 -20.60 2.56
C LYS C 416 -20.52 -19.44 3.36
N ALA C 417 -21.60 -19.65 4.11
CA ALA C 417 -22.19 -18.57 4.89
C ALA C 417 -21.28 -18.11 6.02
N ILE C 418 -20.62 -19.04 6.70
CA ILE C 418 -19.74 -18.65 7.81
C ILE C 418 -18.49 -17.94 7.30
N THR C 419 -17.93 -18.42 6.18
CA THR C 419 -16.76 -17.75 5.61
C THR C 419 -17.12 -16.36 5.08
N GLY C 420 -18.35 -16.18 4.59
CA GLY C 420 -18.77 -14.85 4.17
C GLY C 420 -18.89 -13.88 5.33
N VAL C 421 -19.35 -14.36 6.48
CA VAL C 421 -19.43 -13.51 7.67
C VAL C 421 -18.04 -13.08 8.13
N VAL C 422 -17.09 -14.01 8.15
CA VAL C 422 -15.74 -13.64 8.60
C VAL C 422 -15.02 -12.74 7.58
N CYS C 423 -15.32 -12.90 6.29
CA CYS C 423 -14.77 -11.97 5.29
C CYS C 423 -15.32 -10.56 5.46
N TYR C 424 -16.61 -10.43 5.74
CA TYR C 424 -17.19 -9.12 6.02
C TYR C 424 -16.55 -8.48 7.25
N ALA C 425 -16.27 -9.30 8.27
CA ALA C 425 -15.64 -8.77 9.48
C ALA C 425 -14.21 -8.30 9.21
N CYS C 426 -13.47 -9.01 8.35
CA CYS C 426 -12.12 -8.59 8.01
C CYS C 426 -12.12 -7.27 7.23
N ARG C 427 -13.09 -7.10 6.34
CA ARG C 427 -13.20 -5.85 5.59
C ARG C 427 -13.53 -4.67 6.51
N ILE C 428 -14.44 -4.88 7.47
CA ILE C 428 -14.77 -3.80 8.40
C ILE C 428 -13.59 -3.49 9.31
N ALA C 429 -12.78 -4.50 9.65
CA ALA C 429 -11.62 -4.25 10.50
C ALA C 429 -10.58 -3.39 9.81
N SER C 430 -10.35 -3.64 8.52
CA SER C 430 -9.40 -2.80 7.79
C SER C 430 -9.93 -1.38 7.62
N THR C 431 -11.24 -1.22 7.45
CA THR C 431 -11.80 0.14 7.33
C THR C 431 -11.69 0.92 8.64
N LEU C 432 -11.90 0.24 9.78
CA LEU C 432 -11.76 0.92 11.07
C LEU C 432 -10.33 1.36 11.33
N LEU C 433 -9.36 0.52 10.92
CA LEU C 433 -7.96 0.91 11.08
C LEU C 433 -7.60 2.10 10.18
N LEU C 434 -8.16 2.15 8.97
CA LEU C 434 -7.92 3.27 8.08
C LEU C 434 -8.47 4.57 8.66
N TYR C 435 -9.66 4.53 9.26
CA TYR C 435 -10.22 5.74 9.86
C TYR C 435 -9.38 6.23 11.02
N GLN C 436 -8.87 5.32 11.85
CA GLN C 436 -8.05 5.77 12.99
C GLN C 436 -6.75 6.40 12.53
N GLU C 437 -6.13 5.85 11.47
CA GLU C 437 -4.88 6.43 10.99
C GLU C 437 -5.07 7.80 10.36
N LEU C 438 -6.16 7.97 9.58
CA LEU C 438 -6.41 9.28 9.01
C LEU C 438 -6.81 10.30 10.07
N MET C 439 -7.43 9.83 11.15
CA MET C 439 -7.79 10.73 12.23
C MET C 439 -6.57 11.25 12.95
N ARG C 440 -5.60 10.36 13.22
CA ARG C 440 -4.35 10.78 13.85
C ARG C 440 -3.58 11.76 12.99
N LYS C 441 -3.55 11.52 11.68
CA LYS C 441 -2.82 12.43 10.79
C LYS C 441 -3.48 13.79 10.68
N GLY C 442 -4.81 13.84 10.59
CA GLY C 442 -5.50 15.11 10.49
C GLY C 442 -5.40 15.95 11.75
N ILE C 443 -5.45 15.31 12.93
CA ILE C 443 -5.24 16.02 14.18
C ILE C 443 -3.84 16.63 14.25
N ARG C 444 -2.82 15.85 13.86
CA ARG C 444 -1.44 16.32 13.89
C ARG C 444 -1.20 17.48 12.94
N TRP C 445 -1.90 17.55 11.82
CA TRP C 445 -1.77 18.70 10.94
C TRP C 445 -2.55 19.92 11.44
N LEU C 446 -3.72 19.69 12.03
CA LEU C 446 -4.57 20.81 12.44
C LEU C 446 -3.95 21.61 13.58
N ILE C 447 -3.20 20.95 14.47
CA ILE C 447 -2.53 21.70 15.54
C ILE C 447 -1.47 22.64 14.99
N GLU C 448 -0.77 22.22 13.93
CA GLU C 448 0.25 23.08 13.32
C GLU C 448 -0.38 24.28 12.65
N LEU C 449 -1.53 24.08 12.01
CA LEU C 449 -2.21 25.23 11.40
C LEU C 449 -2.72 26.22 12.45
N ILE C 450 -3.18 25.72 13.59
CA ILE C 450 -3.58 26.60 14.69
C ILE C 450 -2.38 27.40 15.20
N LYS C 451 -1.21 26.75 15.31
CA LYS C 451 -0.02 27.44 15.79
C LYS C 451 0.46 28.50 14.80
N ASP C 452 0.24 28.28 13.50
CA ASP C 452 0.64 29.30 12.53
C ASP C 452 -0.24 30.53 12.62
N ASP C 453 -1.55 30.33 12.83
CA ASP C 453 -2.44 31.48 13.06
C ASP C 453 -2.06 32.22 14.32
N TYR C 454 -1.69 31.48 15.37
CA TYR C 454 -1.19 32.06 16.62
C TYR C 454 0.03 32.94 16.40
N ASN C 455 1.01 32.43 15.65
CA ASN C 455 2.26 33.17 15.48
C ASN C 455 2.09 34.44 14.67
N GLU C 456 1.23 34.39 13.63
CA GLU C 456 1.05 35.62 12.85
C GLU C 456 0.27 36.67 13.65
N THR C 457 -0.66 36.21 14.51
CA THR C 457 -1.33 37.14 15.41
C THR C 457 -0.36 37.78 16.41
N VAL C 458 0.58 36.97 16.93
CA VAL C 458 1.55 37.46 17.91
C VAL C 458 2.43 38.56 17.31
N HIS C 459 2.99 38.32 16.13
CA HIS C 459 3.94 39.34 15.67
C HIS C 459 3.23 40.56 15.07
N LYS C 460 2.00 40.39 14.54
CA LYS C 460 1.20 41.56 14.19
C LYS C 460 0.88 42.42 15.41
N LYS C 461 0.55 41.78 16.53
CA LYS C 461 0.31 42.50 17.76
C LYS C 461 1.55 43.24 18.24
N THR C 462 2.72 42.60 18.14
CA THR C 462 3.96 43.25 18.57
C THR C 462 4.27 44.49 17.73
N GLU C 463 3.97 44.42 16.43
CA GLU C 463 4.10 45.61 15.57
C GLU C 463 3.17 46.75 16.02
N VAL C 464 1.90 46.42 16.30
CA VAL C 464 0.96 47.44 16.75
C VAL C 464 1.37 48.00 18.13
N VAL C 465 1.96 47.16 18.98
CA VAL C 465 2.48 47.59 20.28
C VAL C 465 3.59 48.61 20.13
N ILE C 466 4.53 48.36 19.22
CA ILE C 466 5.63 49.29 18.98
C ILE C 466 5.09 50.63 18.50
N THR C 467 4.14 50.60 17.56
CA THR C 467 3.56 51.85 17.03
C THR C 467 2.80 52.62 18.10
N LEU C 468 2.04 51.90 18.94
CA LEU C 468 1.27 52.53 20.01
C LEU C 468 2.16 53.20 21.04
N ASP C 469 3.21 52.48 21.47
CA ASP C 469 4.08 53.01 22.52
C ASP C 469 4.88 54.19 22.00
N PHE C 470 5.24 54.18 20.72
CA PHE C 470 5.91 55.33 20.13
C PHE C 470 4.99 56.55 20.06
N CYS C 471 3.72 56.34 19.68
CA CYS C 471 2.79 57.46 19.59
C CYS C 471 2.53 58.08 20.95
N ILE C 472 2.40 57.23 21.98
CA ILE C 472 2.26 57.70 23.37
C ILE C 472 3.45 58.55 23.78
N ARG C 473 4.66 58.00 23.61
CA ARG C 473 5.87 58.66 24.07
C ARG C 473 6.10 59.98 23.33
N ASN C 474 5.84 59.98 22.02
CA ASN C 474 6.03 61.16 21.19
C ASN C 474 5.08 62.28 21.60
N ILE C 475 3.78 61.99 21.69
CA ILE C 475 2.82 63.05 21.95
C ILE C 475 2.94 63.57 23.38
N GLU C 476 3.34 62.69 24.31
CA GLU C 476 3.44 63.14 25.70
C GLU C 476 4.69 63.95 25.93
N LYS C 477 5.81 63.58 25.29
CA LYS C 477 7.01 64.41 25.38
C LYS C 477 6.80 65.77 24.73
N THR C 478 6.09 65.80 23.59
CA THR C 478 5.84 67.06 22.91
C THR C 478 4.97 67.99 23.74
N VAL C 479 3.93 67.45 24.38
CA VAL C 479 3.09 68.28 25.24
C VAL C 479 3.83 68.73 26.50
N LYS C 480 4.61 67.83 27.12
CA LYS C 480 5.30 68.21 28.36
C LYS C 480 6.43 69.20 28.14
N VAL C 481 7.06 69.20 26.96
CA VAL C 481 8.08 70.21 26.68
C VAL C 481 7.49 71.52 26.16
N TYR C 482 6.47 71.45 25.29
CA TYR C 482 5.91 72.66 24.68
C TYR C 482 5.18 73.56 25.67
N GLU C 483 4.60 72.99 26.73
CA GLU C 483 3.81 73.79 27.66
C GLU C 483 4.66 74.52 28.71
N LYS C 484 5.99 74.48 28.57
CA LYS C 484 6.95 75.22 29.39
C LYS C 484 6.84 74.93 30.88
N GLY C 496 -6.59 71.47 25.30
CA GLY C 496 -7.35 71.10 24.12
C GLY C 496 -7.78 69.65 24.13
N GLU C 497 -7.48 68.92 23.05
CA GLU C 497 -7.78 67.50 22.96
C GLU C 497 -6.66 66.63 23.50
N ILE C 498 -5.83 67.16 24.40
CA ILE C 498 -4.69 66.43 24.90
C ILE C 498 -5.13 65.30 25.82
N SER C 499 -6.08 65.58 26.72
CA SER C 499 -6.61 64.52 27.57
C SER C 499 -7.47 63.55 26.78
N ASP C 500 -8.14 64.04 25.73
CA ASP C 500 -8.90 63.19 24.82
C ASP C 500 -7.99 62.21 24.10
N ILE C 501 -6.75 62.61 23.82
CA ILE C 501 -5.77 61.68 23.28
C ILE C 501 -5.27 60.74 24.37
N HIS C 502 -4.83 61.30 25.50
CA HIS C 502 -4.06 60.55 26.48
C HIS C 502 -4.89 59.51 27.22
N THR C 503 -6.16 59.83 27.52
CA THR C 503 -7.05 58.87 28.15
C THR C 503 -7.32 57.69 27.24
N LYS C 504 -7.59 57.95 25.96
CA LYS C 504 -7.87 56.88 25.01
C LYS C 504 -6.64 56.00 24.77
N LEU C 505 -5.46 56.61 24.74
CA LEU C 505 -4.26 55.80 24.50
C LEU C 505 -3.87 55.00 25.74
N LEU C 506 -4.20 55.51 26.93
CA LEU C 506 -4.04 54.70 28.14
C LEU C 506 -5.01 53.52 28.14
N ARG C 507 -6.24 53.74 27.65
CA ARG C 507 -7.18 52.64 27.47
C ARG C 507 -6.64 51.59 26.51
N LEU C 508 -6.00 52.04 25.44
CA LEU C 508 -5.45 51.10 24.47
C LEU C 508 -4.31 50.28 25.06
N SER C 509 -3.49 50.89 25.92
CA SER C 509 -2.41 50.14 26.55
C SER C 509 -2.95 49.12 27.57
N SER C 510 -4.03 49.47 28.27
CA SER C 510 -4.67 48.49 29.16
C SER C 510 -5.26 47.33 28.36
N SER C 511 -5.89 47.63 27.22
CA SER C 511 -6.42 46.59 26.36
C SER C 511 -5.33 45.66 25.84
N GLN C 512 -4.21 46.25 25.40
CA GLN C 512 -2.98 45.50 25.08
C GLN C 512 -2.55 44.58 26.21
N GLY C 513 -2.60 45.07 27.44
CA GLY C 513 -2.24 44.24 28.58
C GLY C 513 -3.15 43.05 28.76
N THR C 514 -4.42 43.20 28.40
CA THR C 514 -5.32 42.04 28.44
C THR C 514 -5.04 41.06 27.30
N ILE C 515 -4.76 41.59 26.10
CA ILE C 515 -4.50 40.75 24.93
C ILE C 515 -3.28 39.86 25.15
N GLU C 516 -2.26 40.42 25.81
CA GLU C 516 -1.01 39.67 26.00
C GLU C 516 -1.19 38.48 26.95
N THR C 517 -1.94 38.65 28.05
CA THR C 517 -2.12 37.51 28.94
C THR C 517 -3.09 36.49 28.35
N SER C 518 -4.01 36.91 27.48
CA SER C 518 -4.84 35.92 26.78
C SER C 518 -4.01 35.11 25.80
N LEU C 519 -3.04 35.75 25.13
CA LEU C 519 -2.15 35.01 24.24
C LEU C 519 -1.23 34.08 25.03
N GLN C 520 -0.85 34.47 26.24
CA GLN C 520 -0.05 33.58 27.08
C GLN C 520 -0.85 32.35 27.48
N ASP C 521 -2.14 32.51 27.79
CA ASP C 521 -2.97 31.37 28.11
C ASP C 521 -3.18 30.45 26.91
N ILE C 522 -3.32 31.03 25.71
CA ILE C 522 -3.49 30.19 24.52
C ILE C 522 -2.20 29.41 24.21
N ASP C 523 -1.04 30.03 24.42
CA ASP C 523 0.20 29.27 24.26
C ASP C 523 0.37 28.21 25.35
N SER C 524 -0.16 28.47 26.55
CA SER C 524 -0.13 27.46 27.60
C SER C 524 -1.01 26.27 27.26
N ARG C 525 -2.08 26.49 26.50
CA ARG C 525 -2.89 25.35 26.09
C ARG C 525 -2.29 24.62 24.88
N LEU C 526 -1.75 25.35 23.89
CA LEU C 526 -1.18 24.70 22.72
C LEU C 526 0.19 24.09 22.94
N SER C 527 0.78 24.26 24.12
CA SER C 527 2.12 23.76 24.36
C SER C 527 2.12 22.24 24.41
N PRO C 528 3.21 21.61 23.95
CA PRO C 528 3.32 20.14 24.07
C PRO C 528 3.38 19.70 25.52
N GLY C 529 2.33 19.02 25.96
CA GLY C 529 2.11 18.71 27.35
C GLY C 529 0.98 19.47 27.99
N GLY C 530 0.20 20.21 27.21
CA GLY C 530 -0.91 21.00 27.72
C GLY C 530 -2.23 20.28 27.62
N SER C 531 -3.28 21.02 27.31
CA SER C 531 -4.62 20.44 27.21
C SER C 531 -4.99 20.05 25.80
N LEU C 532 -4.39 20.65 24.78
CA LEU C 532 -4.73 20.39 23.39
C LEU C 532 -3.55 19.69 22.70
N ALA C 533 -2.94 18.74 23.39
CA ALA C 533 -1.88 17.95 22.80
C ALA C 533 -2.43 16.59 22.40
N ASP C 534 -1.81 16.01 21.37
CA ASP C 534 -2.24 14.75 20.79
C ASP C 534 -1.43 13.58 21.32
N ALA C 535 -1.03 13.64 22.59
CA ALA C 535 -0.34 12.50 23.18
C ALA C 535 -1.30 11.35 23.49
N TRP C 536 -2.59 11.62 23.55
CA TRP C 536 -3.54 10.54 23.78
C TRP C 536 -3.71 9.68 22.54
N ALA C 537 -3.51 10.27 21.35
CA ALA C 537 -3.84 9.61 20.10
C ALA C 537 -2.88 8.50 19.73
N HIS C 538 -1.73 8.40 20.39
CA HIS C 538 -0.82 7.30 20.17
C HIS C 538 -0.96 6.24 21.26
N GLN C 539 -2.04 6.30 22.03
CA GLN C 539 -2.24 5.42 23.15
C GLN C 539 -3.61 4.77 23.18
N GLU C 540 -4.45 5.00 22.19
CA GLU C 540 -5.73 4.32 22.09
C GLU C 540 -5.96 3.90 20.65
N GLY C 541 -7.03 3.13 20.45
CA GLY C 541 -7.28 2.58 19.15
C GLY C 541 -6.31 1.46 18.85
N THR C 542 -6.26 1.08 17.59
CA THR C 542 -5.35 0.05 17.13
C THR C 542 -4.34 0.66 16.17
N HIS C 543 -3.12 0.14 16.21
CA HIS C 543 -2.03 0.60 15.39
C HIS C 543 -1.67 -0.45 14.36
N PRO C 544 -1.00 -0.08 13.26
CA PRO C 544 -0.60 -1.10 12.28
C PRO C 544 0.51 -2.03 12.75
N LYS C 545 1.14 -1.76 13.89
CA LYS C 545 2.09 -2.69 14.47
C LYS C 545 1.44 -3.77 15.32
N ASP C 546 0.15 -3.64 15.60
CA ASP C 546 -0.57 -4.68 16.32
C ASP C 546 -1.00 -5.83 15.42
N ARG C 547 -1.18 -5.56 14.13
CA ARG C 547 -1.41 -6.56 13.09
C ARG C 547 -2.70 -7.34 13.30
N ASN C 548 -3.79 -6.63 13.54
CA ASN C 548 -5.06 -7.31 13.78
C ASN C 548 -5.66 -7.87 12.50
N VAL C 549 -5.48 -7.17 11.38
CA VAL C 549 -6.06 -7.59 10.12
C VAL C 549 -5.38 -8.85 9.61
N GLU C 550 -4.07 -8.99 9.83
CA GLU C 550 -3.39 -10.23 9.44
C GLU C 550 -3.77 -11.39 10.33
N LYS C 551 -4.05 -11.14 11.61
CA LYS C 551 -4.54 -12.19 12.49
C LYS C 551 -5.92 -12.67 12.08
N LEU C 552 -6.77 -11.78 11.60
CA LEU C 552 -8.03 -12.25 11.02
C LEU C 552 -7.81 -12.97 9.70
N GLN C 553 -6.81 -12.56 8.93
CA GLN C 553 -6.59 -13.14 7.61
C GLN C 553 -6.05 -14.57 7.69
N VAL C 554 -5.29 -14.90 8.72
CA VAL C 554 -4.81 -16.28 8.89
C VAL C 554 -5.97 -17.23 9.16
N LEU C 555 -6.85 -16.85 10.09
CA LEU C 555 -8.04 -17.65 10.39
C LEU C 555 -8.96 -17.73 9.18
N LEU C 556 -9.03 -16.65 8.40
CA LEU C 556 -9.84 -16.67 7.19
C LEU C 556 -9.28 -17.62 6.14
N ASN C 557 -7.96 -17.73 6.05
CA ASN C 557 -7.38 -18.66 5.07
C ASN C 557 -7.62 -20.11 5.48
N CYS C 558 -7.56 -20.41 6.77
CA CYS C 558 -7.88 -21.76 7.23
C CYS C 558 -9.34 -22.12 6.94
N MET C 559 -10.25 -21.17 7.19
CA MET C 559 -11.66 -21.41 6.92
C MET C 559 -11.94 -21.57 5.43
N THR C 560 -11.25 -20.81 4.57
CA THR C 560 -11.45 -20.95 3.14
C THR C 560 -10.94 -22.29 2.63
N GLU C 561 -9.87 -22.81 3.24
CA GLU C 561 -9.39 -24.13 2.85
C GLU C 561 -10.38 -25.23 3.20
N ILE C 562 -10.98 -25.15 4.39
CA ILE C 562 -12.01 -26.13 4.76
C ILE C 562 -13.25 -25.99 3.87
N TYR C 563 -13.59 -24.76 3.48
CA TYR C 563 -14.71 -24.55 2.56
C TYR C 563 -14.48 -25.18 1.20
N TYR C 564 -13.26 -25.05 0.67
CA TYR C 564 -12.96 -25.67 -0.61
C TYR C 564 -12.97 -27.19 -0.52
N GLN C 565 -12.53 -27.73 0.61
CA GLN C 565 -12.57 -29.19 0.76
C GLN C 565 -13.99 -29.70 0.87
N PHE C 566 -14.88 -28.96 1.53
CA PHE C 566 -16.28 -29.37 1.59
C PHE C 566 -16.96 -29.27 0.24
N LYS C 567 -16.64 -28.22 -0.52
CA LYS C 567 -17.24 -28.09 -1.85
C LYS C 567 -16.73 -29.16 -2.81
N LYS C 568 -15.50 -29.62 -2.61
CA LYS C 568 -14.99 -30.73 -3.40
C LYS C 568 -15.63 -32.04 -2.98
N ASP C 569 -15.88 -32.22 -1.69
CA ASP C 569 -16.54 -33.42 -1.19
C ASP C 569 -18.03 -33.44 -1.48
N LYS C 570 -18.62 -32.32 -1.86
CA LYS C 570 -20.03 -32.31 -2.20
C LYS C 570 -20.29 -32.88 -3.59
N ALA C 571 -19.32 -32.80 -4.49
CA ALA C 571 -19.50 -33.34 -5.83
C ALA C 571 -19.44 -34.86 -5.83
N GLU C 572 -18.58 -35.44 -5.01
CA GLU C 572 -18.62 -36.88 -4.76
C GLU C 572 -19.77 -37.18 -3.82
N ARG C 573 -20.61 -38.14 -4.18
CA ARG C 573 -21.91 -38.28 -3.52
C ARG C 573 -21.77 -38.84 -2.11
N ARG C 574 -20.84 -39.77 -1.91
CA ARG C 574 -20.64 -40.37 -0.59
C ARG C 574 -19.16 -40.63 -0.40
N LEU C 575 -18.77 -40.77 0.86
CA LEU C 575 -17.36 -40.89 1.22
C LEU C 575 -17.13 -42.22 1.93
N ALA C 576 -15.86 -42.54 2.15
CA ALA C 576 -15.47 -43.75 2.85
C ALA C 576 -15.59 -43.52 4.35
N TYR C 577 -15.04 -44.43 5.16
CA TYR C 577 -15.16 -44.29 6.60
C TYR C 577 -14.27 -43.18 7.13
N ASN C 578 -12.96 -43.31 6.89
CA ASN C 578 -11.99 -42.33 7.38
C ASN C 578 -12.20 -40.95 6.78
N GLU C 579 -12.64 -40.90 5.52
CA GLU C 579 -12.92 -39.63 4.89
C GLU C 579 -14.12 -38.94 5.54
N GLU C 580 -15.12 -39.72 5.95
CA GLU C 580 -16.27 -39.15 6.66
C GLU C 580 -15.87 -38.66 8.04
N GLN C 581 -14.98 -39.37 8.71
CA GLN C 581 -14.56 -38.91 10.04
C GLN C 581 -13.76 -37.61 9.94
N ILE C 582 -12.85 -37.52 8.96
CA ILE C 582 -12.09 -36.30 8.72
C ILE C 582 -13.01 -35.15 8.33
N HIS C 583 -14.07 -35.45 7.59
CA HIS C 583 -15.10 -34.46 7.27
C HIS C 583 -15.79 -33.93 8.53
N LYS C 584 -16.08 -34.81 9.48
CA LYS C 584 -16.76 -34.34 10.69
C LYS C 584 -15.84 -33.51 11.59
N PHE C 585 -14.56 -33.90 11.68
CA PHE C 585 -13.61 -33.11 12.46
C PHE C 585 -13.39 -31.75 11.83
N ASP C 586 -13.33 -31.68 10.50
CA ASP C 586 -13.20 -30.38 9.84
C ASP C 586 -14.46 -29.54 10.01
N LYS C 587 -15.64 -30.17 10.05
CA LYS C 587 -16.87 -29.43 10.26
C LYS C 587 -16.91 -28.76 11.62
N GLN C 588 -16.37 -29.41 12.65
CA GLN C 588 -16.36 -28.69 13.93
C GLN C 588 -15.17 -27.75 14.06
N LYS C 589 -14.06 -28.01 13.36
CA LYS C 589 -12.92 -27.11 13.47
C LYS C 589 -13.15 -25.80 12.73
N LEU C 590 -13.96 -25.83 11.66
CA LEU C 590 -14.39 -24.61 10.98
C LEU C 590 -15.11 -23.66 11.93
N TYR C 591 -16.04 -24.21 12.71
CA TYR C 591 -16.79 -23.37 13.63
C TYR C 591 -15.93 -22.92 14.80
N TYR C 592 -14.92 -23.69 15.16
CA TYR C 592 -13.95 -23.21 16.15
C TYR C 592 -13.17 -22.00 15.64
N HIS C 593 -12.70 -22.04 14.39
CA HIS C 593 -12.00 -20.88 13.81
C HIS C 593 -12.92 -19.68 13.70
N ALA C 594 -14.20 -19.89 13.38
CA ALA C 594 -15.13 -18.78 13.26
C ALA C 594 -15.40 -18.13 14.60
N THR C 595 -15.55 -18.94 15.66
CA THR C 595 -15.76 -18.39 17.00
C THR C 595 -14.54 -17.61 17.45
N LYS C 596 -13.34 -18.12 17.17
CA LYS C 596 -12.11 -17.42 17.56
C LYS C 596 -11.97 -16.08 16.83
N ALA C 597 -12.27 -16.05 15.53
CA ALA C 597 -12.10 -14.82 14.77
C ALA C 597 -13.16 -13.79 15.13
N MET C 598 -14.41 -14.20 15.32
CA MET C 598 -15.42 -13.22 15.69
C MET C 598 -15.37 -12.82 17.15
N THR C 599 -14.63 -13.55 17.99
CA THR C 599 -14.35 -13.01 19.33
C THR C 599 -13.25 -11.97 19.27
N HIS C 600 -12.19 -12.27 18.50
CA HIS C 600 -11.08 -11.32 18.34
C HIS C 600 -11.54 -10.01 17.71
N PHE C 601 -12.46 -10.07 16.76
CA PHE C 601 -12.96 -8.86 16.12
C PHE C 601 -13.71 -7.97 17.09
N THR C 602 -14.73 -8.49 17.75
CA THR C 602 -15.53 -7.64 18.63
C THR C 602 -14.90 -7.36 19.97
N ASP C 603 -13.79 -7.99 20.34
CA ASP C 603 -13.13 -7.61 21.59
C ASP C 603 -11.74 -7.04 21.41
N GLU C 604 -11.28 -6.82 20.19
CA GLU C 604 -10.00 -6.16 20.01
C GLU C 604 -10.11 -4.98 19.06
N CYS C 605 -10.97 -5.11 18.05
CA CYS C 605 -11.05 -4.09 17.01
C CYS C 605 -12.16 -3.07 17.27
N VAL C 606 -13.35 -3.52 17.64
CA VAL C 606 -14.47 -2.61 17.79
C VAL C 606 -14.38 -1.83 19.10
N LYS C 607 -13.92 -2.47 20.17
CA LYS C 607 -13.91 -1.84 21.48
C LYS C 607 -12.89 -0.71 21.57
N LYS C 608 -11.68 -0.94 21.05
CA LYS C 608 -10.67 0.09 21.02
C LYS C 608 -11.04 1.22 20.06
N TYR C 609 -11.73 0.90 18.98
CA TYR C 609 -12.25 1.94 18.09
C TYR C 609 -13.26 2.82 18.79
N GLU C 610 -14.15 2.24 19.60
CA GLU C 610 -15.14 3.06 20.27
C GLU C 610 -14.52 3.91 21.36
N ALA C 611 -13.45 3.43 22.00
CA ALA C 611 -12.69 4.28 22.91
C ALA C 611 -12.03 5.45 22.19
N PHE C 612 -11.46 5.19 21.01
CA PHE C 612 -10.82 6.26 20.23
C PHE C 612 -11.82 7.29 19.77
N LEU C 613 -12.99 6.85 19.32
CA LEU C 613 -14.06 7.77 18.91
C LEU C 613 -14.53 8.63 20.07
N ASN C 614 -14.66 8.02 21.25
CA ASN C 614 -15.14 8.76 22.41
C ASN C 614 -14.13 9.79 22.89
N LYS C 615 -12.83 9.56 22.70
CA LYS C 615 -11.88 10.62 23.02
C LYS C 615 -11.79 11.69 21.94
N SER C 616 -11.95 11.30 20.66
CA SER C 616 -11.88 12.26 19.57
C SER C 616 -12.98 13.30 19.64
N GLU C 617 -14.16 12.91 20.15
CA GLU C 617 -15.25 13.86 20.30
C GLU C 617 -14.89 15.02 21.23
N GLU C 618 -14.31 14.72 22.39
CA GLU C 618 -13.99 15.81 23.31
C GLU C 618 -12.76 16.58 22.87
N TRP C 619 -11.84 15.95 22.13
CA TRP C 619 -10.74 16.73 21.57
C TRP C 619 -11.24 17.75 20.54
N ILE C 620 -12.22 17.34 19.72
CA ILE C 620 -12.76 18.26 18.73
C ILE C 620 -13.52 19.41 19.38
N ARG C 621 -14.20 19.13 20.50
CA ARG C 621 -14.88 20.21 21.22
C ARG C 621 -13.89 21.23 21.80
N LYS C 622 -12.80 20.74 22.40
CA LYS C 622 -11.77 21.65 22.93
C LYS C 622 -11.09 22.45 21.84
N MET C 623 -10.84 21.82 20.69
CA MET C 623 -10.24 22.52 19.56
C MET C 623 -11.12 23.65 19.04
N LEU C 624 -12.43 23.40 18.92
CA LEU C 624 -13.32 24.44 18.42
C LEU C 624 -13.41 25.62 19.38
N HIS C 625 -13.37 25.35 20.68
CA HIS C 625 -13.39 26.45 21.65
C HIS C 625 -12.14 27.33 21.55
N LEU C 626 -10.96 26.70 21.48
CA LEU C 626 -9.71 27.46 21.36
C LEU C 626 -9.64 28.23 20.06
N ARG C 627 -10.10 27.62 18.97
CA ARG C 627 -9.99 28.23 17.67
C ARG C 627 -10.96 29.39 17.51
N LYS C 628 -12.05 29.42 18.29
CA LYS C 628 -12.91 30.60 18.29
C LYS C 628 -12.32 31.75 19.10
N GLN C 629 -11.73 31.44 20.27
CA GLN C 629 -11.12 32.50 21.09
C GLN C 629 -9.96 33.19 20.38
N LEU C 630 -9.18 32.43 19.61
CA LEU C 630 -8.05 33.03 18.88
C LEU C 630 -8.55 34.02 17.82
N LEU C 631 -9.66 33.71 17.17
CA LEU C 631 -10.23 34.61 16.17
C LEU C 631 -10.72 35.90 16.81
N SER C 632 -11.30 35.79 18.02
CA SER C 632 -11.73 36.99 18.73
C SER C 632 -10.55 37.89 19.06
N LEU C 633 -9.43 37.30 19.51
CA LEU C 633 -8.24 38.13 19.81
C LEU C 633 -7.67 38.78 18.57
N THR C 634 -7.68 38.06 17.43
CA THR C 634 -7.16 38.64 16.19
C THR C 634 -8.00 39.83 15.73
N ASN C 635 -9.33 39.73 15.86
CA ASN C 635 -10.17 40.85 15.46
C ASN C 635 -10.02 42.04 16.40
N GLN C 636 -9.79 41.80 17.70
CA GLN C 636 -9.55 42.91 18.61
C GLN C 636 -8.24 43.63 18.31
N CYS C 637 -7.20 42.87 17.93
CA CYS C 637 -5.95 43.52 17.52
C CYS C 637 -6.11 44.33 16.24
N PHE C 638 -6.91 43.85 15.29
CA PHE C 638 -7.16 44.66 14.10
C PHE C 638 -7.93 45.94 14.42
N ASP C 639 -8.86 45.89 15.38
CA ASP C 639 -9.55 47.11 15.77
C ASP C 639 -8.61 48.12 16.43
N ILE C 640 -7.70 47.64 17.29
CA ILE C 640 -6.73 48.54 17.91
C ILE C 640 -5.80 49.14 16.85
N GLU C 641 -5.40 48.36 15.83
CA GLU C 641 -4.56 48.90 14.77
C GLU C 641 -5.29 49.95 13.93
N GLU C 642 -6.58 49.71 13.65
CA GLU C 642 -7.38 50.69 12.91
C GLU C 642 -7.55 51.99 13.69
N GLU C 643 -7.57 51.93 15.02
CA GLU C 643 -7.59 53.18 15.78
C GLU C 643 -6.23 53.85 15.81
N VAL C 644 -5.16 53.07 15.99
CA VAL C 644 -3.81 53.58 16.18
C VAL C 644 -3.31 54.30 14.93
N SER C 645 -3.76 53.88 13.74
CA SER C 645 -3.35 54.55 12.51
C SER C 645 -3.82 56.01 12.46
N LYS C 646 -5.10 56.25 12.76
CA LYS C 646 -5.64 57.60 12.71
C LYS C 646 -5.07 58.47 13.83
N TYR C 647 -4.88 57.89 15.02
CA TYR C 647 -4.33 58.66 16.12
C TYR C 647 -2.86 59.00 15.87
N GLN C 648 -2.15 58.12 15.16
CA GLN C 648 -0.75 58.39 14.80
C GLN C 648 -0.68 59.50 13.77
N GLU C 649 -1.64 59.53 12.83
CA GLU C 649 -1.68 60.61 11.86
C GLU C 649 -1.91 61.96 12.51
N TYR C 650 -2.85 62.01 13.45
CA TYR C 650 -3.13 63.27 14.15
C TYR C 650 -1.95 63.68 15.04
N THR C 651 -1.27 62.69 15.62
CA THR C 651 -0.06 62.96 16.41
C THR C 651 1.04 63.57 15.54
N ASN C 652 1.26 62.99 14.36
CA ASN C 652 2.33 63.48 13.49
C ASN C 652 2.01 64.85 12.93
N GLU C 653 0.73 65.12 12.68
CA GLU C 653 0.32 66.46 12.27
C GLU C 653 0.57 67.49 13.37
N LEU C 654 0.30 67.10 14.62
CA LEU C 654 0.54 68.03 15.72
C LEU C 654 2.04 68.19 15.99
N GLN C 655 2.84 67.17 15.66
CA GLN C 655 4.29 67.31 15.69
C GLN C 655 4.77 68.32 14.67
N GLU C 656 4.24 68.24 13.45
CA GLU C 656 4.70 69.09 12.37
C GLU C 656 4.24 70.54 12.50
N THR C 657 3.05 70.79 13.06
CA THR C 657 2.53 72.15 13.11
C THR C 657 3.11 72.99 14.26
N LEU C 658 3.82 72.38 15.20
CA LEU C 658 4.36 73.12 16.34
C LEU C 658 5.79 72.74 16.62
N ASP D 369 -23.38 -38.89 13.94
CA ASP D 369 -23.32 -37.44 14.02
C ASP D 369 -21.94 -36.96 14.47
N LEU D 370 -21.57 -37.35 15.69
CA LEU D 370 -20.29 -36.95 16.25
C LEU D 370 -19.15 -37.74 15.60
N PRO D 371 -17.99 -37.13 15.44
CA PRO D 371 -16.84 -37.89 14.93
C PRO D 371 -16.30 -38.84 15.98
N GLN D 372 -16.01 -40.03 15.54
CA GLN D 372 -15.44 -41.21 16.16
C GLN D 372 -14.05 -41.45 15.57
N PRO D 373 -13.12 -42.04 16.33
CA PRO D 373 -11.72 -42.07 15.90
C PRO D 373 -11.49 -42.97 14.69
N LEU D 374 -10.42 -42.65 13.99
CA LEU D 374 -10.08 -43.29 12.72
C LEU D 374 -9.65 -44.73 12.95
N ARG D 375 -9.53 -45.48 11.87
CA ARG D 375 -9.12 -46.86 11.96
C ARG D 375 -8.45 -47.27 10.66
N SER D 376 -7.63 -48.31 10.75
CA SER D 376 -6.93 -48.88 9.61
C SER D 376 -7.29 -50.36 9.54
N ASP D 377 -8.23 -50.68 8.66
CA ASP D 377 -8.75 -52.04 8.54
C ASP D 377 -9.05 -52.41 7.09
#